data_7P18
#
_entry.id   7P18
#
_cell.length_a   130.369
_cell.length_b   130.369
_cell.length_c   139.742
_cell.angle_alpha   90.00
_cell.angle_beta   90.00
_cell.angle_gamma   120.00
#
_symmetry.space_group_name_H-M   'P 31 2 1'
#
loop_
_entity.id
_entity.type
_entity.pdbx_description
1 polymer '3-oxosteroid 1-dehydrogenase'
2 non-polymer 'FLAVIN-ADENINE DINUCLEOTIDE'
3 non-polymer ANDROSTA-1,4-DIENE-3,17-DIONE
4 non-polymer DI(HYDROXYETHYL)ETHER
5 non-polymer GLYCEROL
6 non-polymer 'SODIUM ION'
7 water water
#
_entity_poly.entity_id   1
_entity_poly.type   'polypeptide(L)'
_entity_poly.pdbx_seq_one_letter_code
;MSIETNTYDVIVVGSGAGAMLAAARAHDLGLSVLVVEKSDKYGGTSAVSGGAVWIPNNSQMQIKDSFDEALTYLKAATQG
LVAEDRLLAYLESAPQMVEYINANMTLQYFPCHRYPDYYQHLPGAKPGGRTMEPMLFDAALLGDEFANLRMAYTGTLLMG
KASMTATEAHVMLAKEPGWMLQVIKSLGRYYLDLPWRLKSRHDRKRGLGNAMAAGLRHALLERKVPLWLNTPFESLITEG
AENKRVTGIVVKRNGQTLQLTARRGVVLGAGGFERNQQMREQYLPKPTNAAWSATPPHNTGDTIRAAMDIGARAELMDWA
WWVPSIHVPGEAAQTGLFAERNLPGCIVVNGKGQRFINEASPYLEFGAAMYENHARSGSAVPAWLIFDGKFRYNYPMGPL
MPGQIQPDRKAWLGKVYWRDDTLEGLAKQIGVDAAGLKQSVELNNQYAQDGKDREFDKGGNVFDRYYGDYNVKPNPCLAP
IGKPPYYAMRVDAGDIGTKGGLLTDKDARVLDESDRPIEGLYCIGNNSASVMGKAYPGAGGTLGPAMTFGFRAANHIAAS
K
;
_entity_poly.pdbx_strand_id   A,B
#
# COMPACT_ATOMS: atom_id res chain seq x y z
N GLU A 4 -10.68 -14.73 -8.08
CA GLU A 4 -11.81 -13.86 -8.53
C GLU A 4 -12.98 -13.98 -7.55
N THR A 5 -13.57 -15.17 -7.44
CA THR A 5 -14.92 -15.41 -6.85
C THR A 5 -14.85 -15.26 -5.32
N ASN A 6 -13.62 -15.19 -4.80
CA ASN A 6 -13.29 -14.96 -3.37
C ASN A 6 -12.54 -13.63 -3.20
N THR A 7 -12.70 -12.74 -4.17
CA THR A 7 -12.09 -11.39 -4.18
C THR A 7 -13.18 -10.33 -4.21
N TYR A 8 -13.09 -9.39 -3.26
CA TYR A 8 -13.98 -8.21 -3.18
C TYR A 8 -13.10 -6.97 -2.96
N ASP A 9 -13.66 -5.79 -3.21
CA ASP A 9 -12.99 -4.52 -2.83
C ASP A 9 -12.87 -4.48 -1.30
N VAL A 10 -13.99 -4.78 -0.63
CA VAL A 10 -14.11 -4.61 0.85
C VAL A 10 -14.67 -5.90 1.47
N ILE A 11 -13.98 -6.44 2.46
CA ILE A 11 -14.57 -7.50 3.31
C ILE A 11 -14.81 -6.93 4.71
N VAL A 12 -16.06 -7.03 5.17
CA VAL A 12 -16.49 -6.56 6.53
C VAL A 12 -16.64 -7.78 7.41
N VAL A 13 -15.90 -7.81 8.51
CA VAL A 13 -15.98 -8.90 9.53
C VAL A 13 -16.94 -8.49 10.64
N GLY A 14 -18.04 -9.25 10.76
CA GLY A 14 -19.10 -9.02 11.76
C GLY A 14 -20.34 -8.51 11.08
N SER A 15 -21.52 -8.73 11.66
CA SER A 15 -22.79 -8.16 11.16
C SER A 15 -23.50 -7.39 12.27
N GLY A 16 -22.78 -6.67 13.15
CA GLY A 16 -23.44 -5.66 13.97
C GLY A 16 -23.85 -4.46 13.12
N ALA A 17 -24.43 -3.45 13.73
CA ALA A 17 -24.96 -2.28 13.00
C ALA A 17 -23.80 -1.54 12.30
N GLY A 18 -22.69 -1.33 13.01
CA GLY A 18 -21.51 -0.63 12.44
C GLY A 18 -21.06 -1.33 11.16
N ALA A 19 -20.92 -2.65 11.22
CA ALA A 19 -20.46 -3.47 10.07
C ALA A 19 -21.44 -3.37 8.91
N MET A 20 -22.74 -3.50 9.14
CA MET A 20 -23.73 -3.51 8.05
C MET A 20 -23.84 -2.11 7.43
N LEU A 21 -23.78 -1.05 8.27
CA LEU A 21 -23.79 0.37 7.79
C LEU A 21 -22.58 0.59 6.89
N ALA A 22 -21.38 0.20 7.33
CA ALA A 22 -20.14 0.36 6.55
C ALA A 22 -20.32 -0.36 5.21
N ALA A 23 -20.89 -1.55 5.22
CA ALA A 23 -21.12 -2.38 4.02
C ALA A 23 -22.05 -1.64 3.04
N ALA A 24 -23.15 -1.10 3.49
CA ALA A 24 -24.13 -0.41 2.64
C ALA A 24 -23.46 0.85 2.06
N ARG A 25 -22.70 1.55 2.89
CA ARG A 25 -22.08 2.83 2.47
C ARG A 25 -21.00 2.53 1.43
N ALA A 26 -20.15 1.53 1.66
CA ALA A 26 -19.06 1.15 0.74
C ALA A 26 -19.69 0.77 -0.60
N HIS A 27 -20.78 -0.02 -0.56
CA HIS A 27 -21.53 -0.39 -1.77
C HIS A 27 -21.99 0.89 -2.51
N ASP A 28 -22.62 1.82 -1.79
CA ASP A 28 -23.22 3.03 -2.41
C ASP A 28 -22.13 3.91 -3.02
N LEU A 29 -20.86 3.74 -2.61
CA LEU A 29 -19.70 4.48 -3.15
C LEU A 29 -19.02 3.69 -4.28
N GLY A 30 -19.59 2.56 -4.70
CA GLY A 30 -19.19 1.83 -5.92
C GLY A 30 -18.23 0.69 -5.63
N LEU A 31 -18.07 0.27 -4.36
CA LEU A 31 -17.15 -0.84 -4.00
C LEU A 31 -17.96 -2.13 -3.90
N SER A 32 -17.34 -3.24 -4.31
CA SER A 32 -17.84 -4.62 -4.10
C SER A 32 -17.58 -4.99 -2.63
N VAL A 33 -18.61 -5.49 -1.96
CA VAL A 33 -18.58 -5.79 -0.50
C VAL A 33 -18.99 -7.23 -0.25
N LEU A 34 -18.29 -7.89 0.68
CA LEU A 34 -18.77 -9.12 1.37
C LEU A 34 -18.82 -8.87 2.88
N VAL A 35 -19.90 -9.30 3.52
CA VAL A 35 -20.00 -9.36 5.01
C VAL A 35 -19.89 -10.82 5.47
N VAL A 36 -19.02 -11.12 6.42
CA VAL A 36 -18.91 -12.47 7.06
C VAL A 36 -19.34 -12.37 8.53
N GLU A 37 -20.22 -13.29 8.96
CA GLU A 37 -20.79 -13.39 10.34
C GLU A 37 -20.47 -14.77 10.92
N LYS A 38 -19.87 -14.80 12.11
CA LYS A 38 -19.45 -16.01 12.86
C LYS A 38 -20.67 -16.88 13.14
N SER A 39 -21.80 -16.28 13.55
CA SER A 39 -22.93 -17.00 14.17
C SER A 39 -23.97 -17.33 13.12
N ASP A 40 -25.04 -17.98 13.55
CA ASP A 40 -26.20 -18.42 12.71
C ASP A 40 -27.15 -17.25 12.53
N LYS A 41 -26.91 -16.09 13.17
CA LYS A 41 -27.84 -14.93 13.11
C LYS A 41 -27.04 -13.66 12.74
N TYR A 42 -27.64 -12.70 12.05
CA TYR A 42 -27.04 -11.35 11.81
C TYR A 42 -27.52 -10.38 12.90
N GLY A 43 -26.71 -9.36 13.18
CA GLY A 43 -27.13 -8.23 14.04
C GLY A 43 -26.37 -8.14 15.33
N GLY A 44 -25.87 -9.25 15.89
CA GLY A 44 -25.03 -9.23 17.11
C GLY A 44 -25.69 -8.52 18.28
N THR A 45 -24.89 -7.92 19.17
CA THR A 45 -25.43 -7.17 20.34
C THR A 45 -26.31 -6.03 19.83
N SER A 46 -25.97 -5.49 18.66
CA SER A 46 -26.69 -4.33 18.08
C SER A 46 -28.18 -4.69 18.02
N ALA A 47 -28.48 -5.91 17.56
CA ALA A 47 -29.86 -6.38 17.33
C ALA A 47 -30.67 -6.45 18.63
N VAL A 48 -30.02 -6.71 19.78
CA VAL A 48 -30.71 -6.89 21.09
C VAL A 48 -30.62 -5.60 21.91
N SER A 49 -30.19 -4.49 21.28
CA SER A 49 -29.93 -3.21 21.96
C SER A 49 -31.16 -2.31 21.89
N GLY A 50 -31.05 -1.11 22.43
CA GLY A 50 -32.06 -0.06 22.27
C GLY A 50 -32.04 0.58 20.90
N GLY A 51 -30.98 0.36 20.12
CA GLY A 51 -30.85 0.89 18.77
C GLY A 51 -30.63 2.40 18.78
N ALA A 52 -30.38 3.01 19.94
CA ALA A 52 -30.18 4.46 20.07
C ALA A 52 -28.80 4.84 19.57
N VAL A 53 -28.69 6.01 18.93
CA VAL A 53 -27.39 6.62 18.49
C VAL A 53 -27.34 8.05 19.01
N TRP A 54 -26.18 8.45 19.53
CA TRP A 54 -25.99 9.77 20.16
C TRP A 54 -25.38 10.71 19.12
N ILE A 55 -26.21 11.59 18.57
CA ILE A 55 -25.87 12.39 17.37
C ILE A 55 -26.02 13.86 17.75
N PRO A 56 -24.94 14.50 18.22
CA PRO A 56 -25.02 15.91 18.55
C PRO A 56 -25.34 16.67 17.24
N ASN A 57 -26.12 17.72 17.39
CA ASN A 57 -26.37 18.74 16.34
C ASN A 57 -27.04 18.05 15.14
N ASN A 58 -27.84 17.00 15.37
CA ASN A 58 -28.58 16.37 14.25
C ASN A 58 -29.64 17.38 13.77
N SER A 59 -30.05 17.21 12.50
N SER A 59 -30.07 17.32 12.52
CA SER A 59 -30.94 18.12 11.73
CA SER A 59 -30.93 18.42 11.99
C SER A 59 -32.36 18.17 12.30
C SER A 59 -32.41 18.16 12.27
N GLN A 60 -32.75 17.20 13.15
CA GLN A 60 -34.14 16.98 13.60
C GLN A 60 -34.35 17.53 15.00
N MET A 61 -33.33 18.14 15.60
CA MET A 61 -33.47 18.61 16.99
C MET A 61 -34.50 19.76 17.10
N GLN A 62 -35.26 19.79 18.18
CA GLN A 62 -36.24 20.86 18.51
C GLN A 62 -35.58 21.99 19.31
N ILE A 63 -34.35 21.78 19.82
CA ILE A 63 -33.58 22.81 20.55
C ILE A 63 -32.29 23.09 19.80
N LYS A 64 -31.62 24.19 20.13
CA LYS A 64 -30.41 24.55 19.37
C LYS A 64 -29.20 23.81 19.95
N ASP A 65 -28.30 23.45 19.05
CA ASP A 65 -27.04 22.73 19.35
C ASP A 65 -25.98 23.24 18.37
N SER A 66 -24.75 22.82 18.57
CA SER A 66 -23.64 23.27 17.71
C SER A 66 -22.47 22.33 17.86
N PHE A 67 -21.67 22.30 16.81
CA PHE A 67 -20.40 21.57 16.75
C PHE A 67 -19.55 21.97 17.96
N ASP A 68 -19.39 23.26 18.22
CA ASP A 68 -18.45 23.69 19.29
C ASP A 68 -18.97 23.29 20.69
N GLU A 69 -20.27 23.35 20.95
CA GLU A 69 -20.82 22.88 22.26
C GLU A 69 -20.55 21.36 22.42
N ALA A 70 -20.79 20.58 21.38
CA ALA A 70 -20.61 19.12 21.37
C ALA A 70 -19.12 18.79 21.58
N LEU A 71 -18.23 19.57 21.01
CA LEU A 71 -16.77 19.34 21.19
C LEU A 71 -16.41 19.67 22.64
N THR A 72 -16.93 20.76 23.21
CA THR A 72 -16.69 21.11 24.62
C THR A 72 -17.07 19.93 25.52
N TYR A 73 -18.27 19.41 25.32
CA TYR A 73 -18.80 18.25 26.06
C TYR A 73 -17.88 17.03 25.89
N LEU A 74 -17.53 16.64 24.67
CA LEU A 74 -16.67 15.44 24.43
C LEU A 74 -15.27 15.66 25.00
N LYS A 75 -14.68 16.85 24.91
CA LYS A 75 -13.33 17.09 25.49
C LYS A 75 -13.45 16.98 27.01
N ALA A 76 -14.49 17.51 27.60
CA ALA A 76 -14.70 17.41 29.06
C ALA A 76 -14.88 15.94 29.44
N ALA A 77 -15.62 15.17 28.65
CA ALA A 77 -15.99 13.78 29.04
C ALA A 77 -14.79 12.85 28.83
N THR A 78 -13.94 13.11 27.83
CA THR A 78 -12.88 12.14 27.42
C THR A 78 -11.52 12.44 28.05
N GLN A 79 -11.35 13.62 28.61
CA GLN A 79 -10.22 13.97 29.52
C GLN A 79 -8.88 13.66 28.84
N GLY A 80 -8.73 13.97 27.56
CA GLY A 80 -7.44 13.88 26.85
C GLY A 80 -7.03 12.46 26.51
N LEU A 81 -7.90 11.46 26.72
CA LEU A 81 -7.57 10.04 26.45
C LEU A 81 -7.68 9.74 24.96
N VAL A 82 -8.37 10.61 24.21
CA VAL A 82 -8.69 10.35 22.80
C VAL A 82 -8.11 11.50 21.95
N ALA A 83 -7.49 11.17 20.84
CA ALA A 83 -6.95 12.17 19.88
C ALA A 83 -8.07 13.15 19.50
N GLU A 84 -7.81 14.45 19.60
CA GLU A 84 -8.88 15.44 19.34
C GLU A 84 -9.45 15.25 17.92
N ASP A 85 -8.62 14.90 16.94
CA ASP A 85 -9.10 14.79 15.54
C ASP A 85 -10.16 13.68 15.42
N ARG A 86 -10.13 12.68 16.28
CA ARG A 86 -11.19 11.64 16.29
C ARG A 86 -12.49 12.24 16.83
N LEU A 87 -12.43 13.07 17.87
CA LEU A 87 -13.63 13.77 18.39
C LEU A 87 -14.20 14.69 17.29
N LEU A 88 -13.34 15.46 16.61
CA LEU A 88 -13.81 16.36 15.52
C LEU A 88 -14.48 15.50 14.44
N ALA A 89 -13.85 14.40 14.08
CA ALA A 89 -14.35 13.51 13.00
C ALA A 89 -15.72 12.93 13.39
N TYR A 90 -15.88 12.54 14.66
CA TYR A 90 -17.18 11.97 15.14
C TYR A 90 -18.28 13.03 14.97
N LEU A 91 -18.03 14.25 15.39
CA LEU A 91 -19.04 15.33 15.36
C LEU A 91 -19.33 15.75 13.92
N GLU A 92 -18.31 15.74 13.06
CA GLU A 92 -18.50 16.01 11.62
C GLU A 92 -19.42 14.96 11.00
N SER A 93 -19.14 13.66 11.22
CA SER A 93 -19.73 12.57 10.42
C SER A 93 -21.01 12.00 11.03
N ALA A 94 -21.20 12.08 12.33
CA ALA A 94 -22.38 11.43 12.98
C ALA A 94 -23.70 11.96 12.37
N PRO A 95 -23.91 13.29 12.23
CA PRO A 95 -25.13 13.77 11.56
C PRO A 95 -25.25 13.34 10.09
N GLN A 96 -24.11 13.27 9.41
CA GLN A 96 -24.08 12.88 7.99
C GLN A 96 -24.47 11.41 7.83
N MET A 97 -24.03 10.58 8.78
CA MET A 97 -24.33 9.12 8.78
C MET A 97 -25.84 8.93 8.98
N VAL A 98 -26.49 9.64 9.91
CA VAL A 98 -27.96 9.49 10.10
C VAL A 98 -28.72 10.04 8.90
N GLU A 99 -28.30 11.19 8.35
CA GLU A 99 -29.01 11.71 7.15
C GLU A 99 -28.90 10.72 6.00
N TYR A 100 -27.75 10.05 5.88
CA TYR A 100 -27.48 9.03 4.86
C TYR A 100 -28.45 7.86 5.04
N ILE A 101 -28.58 7.35 6.25
CA ILE A 101 -29.58 6.28 6.54
C ILE A 101 -30.95 6.77 6.07
N ASN A 102 -31.40 7.94 6.55
CA ASN A 102 -32.78 8.41 6.37
C ASN A 102 -33.09 8.60 4.87
N ALA A 103 -32.12 9.03 4.07
CA ALA A 103 -32.34 9.35 2.63
C ALA A 103 -32.22 8.07 1.80
N ASN A 104 -31.53 7.02 2.27
CA ASN A 104 -31.17 5.89 1.38
C ASN A 104 -31.68 4.54 1.88
N MET A 105 -32.54 4.52 2.91
CA MET A 105 -33.00 3.26 3.55
C MET A 105 -34.45 3.41 4.00
N THR A 106 -35.16 2.28 4.14
CA THR A 106 -36.51 2.24 4.73
C THR A 106 -36.40 2.55 6.21
N LEU A 107 -35.32 2.08 6.84
CA LEU A 107 -34.97 2.44 8.25
C LEU A 107 -34.95 3.97 8.39
N GLN A 108 -35.57 4.51 9.43
CA GLN A 108 -35.67 5.95 9.73
C GLN A 108 -35.31 6.17 11.21
N TYR A 109 -34.42 7.15 11.49
CA TYR A 109 -34.03 7.64 12.82
C TYR A 109 -34.70 8.98 13.09
N PHE A 110 -35.12 9.19 14.32
CA PHE A 110 -35.69 10.49 14.79
C PHE A 110 -35.19 10.73 16.21
N PRO A 111 -35.21 11.98 16.71
CA PRO A 111 -34.66 12.28 18.03
C PRO A 111 -35.55 11.81 19.18
N CYS A 112 -34.93 11.38 20.27
CA CYS A 112 -35.57 11.26 21.61
C CYS A 112 -35.50 12.64 22.28
N HIS A 113 -36.54 13.46 22.05
CA HIS A 113 -36.53 14.91 22.33
C HIS A 113 -36.32 15.20 23.82
N ARG A 114 -36.76 14.30 24.68
CA ARG A 114 -36.71 14.56 26.15
C ARG A 114 -35.58 13.77 26.84
N TYR A 115 -34.78 13.03 26.09
CA TYR A 115 -33.78 12.10 26.68
C TYR A 115 -32.51 12.91 26.94
N PRO A 116 -32.20 13.29 28.18
CA PRO A 116 -31.06 14.15 28.45
C PRO A 116 -29.72 13.44 28.26
N ASP A 117 -28.71 14.23 27.86
CA ASP A 117 -27.29 13.76 27.91
C ASP A 117 -26.98 13.26 29.33
N TYR A 118 -26.05 12.32 29.45
CA TYR A 118 -25.81 11.64 30.77
C TYR A 118 -25.07 12.52 31.77
N TYR A 119 -24.31 13.53 31.35
CA TYR A 119 -23.44 14.32 32.23
C TYR A 119 -23.92 15.77 32.23
N GLN A 120 -25.03 16.04 32.93
CA GLN A 120 -25.65 17.39 32.88
C GLN A 120 -24.71 18.40 33.54
N HIS A 121 -23.80 17.96 34.40
CA HIS A 121 -22.84 18.86 35.09
C HIS A 121 -21.69 19.28 34.16
N LEU A 122 -21.49 18.65 33.00
CA LEU A 122 -20.35 19.00 32.10
C LEU A 122 -20.75 20.15 31.19
N PRO A 123 -19.81 21.01 30.78
CA PRO A 123 -20.15 22.09 29.85
C PRO A 123 -20.53 21.49 28.50
N GLY A 124 -21.49 22.12 27.81
CA GLY A 124 -21.89 21.68 26.47
C GLY A 124 -22.92 20.55 26.44
N ALA A 125 -23.43 20.16 27.59
CA ALA A 125 -24.50 19.14 27.75
C ALA A 125 -25.80 19.70 27.21
N LYS A 126 -26.65 18.81 26.68
CA LYS A 126 -28.02 19.18 26.24
C LYS A 126 -29.04 18.40 27.05
N PRO A 127 -30.22 19.00 27.24
CA PRO A 127 -31.30 18.37 28.01
C PRO A 127 -32.17 17.37 27.24
N GLY A 128 -31.92 17.20 25.94
CA GLY A 128 -32.63 16.25 25.09
C GLY A 128 -32.20 16.37 23.65
N GLY A 129 -32.58 15.41 22.83
CA GLY A 129 -32.58 15.61 21.38
C GLY A 129 -31.32 15.12 20.69
N ARG A 130 -30.18 14.94 21.38
CA ARG A 130 -28.97 14.38 20.69
C ARG A 130 -29.15 12.88 20.46
N THR A 131 -29.69 12.16 21.43
CA THR A 131 -30.09 10.74 21.31
C THR A 131 -31.18 10.63 20.23
N MET A 132 -31.01 9.68 19.31
CA MET A 132 -31.95 9.34 18.24
C MET A 132 -32.23 7.83 18.26
N GLU A 133 -33.43 7.46 17.81
CA GLU A 133 -33.84 6.03 17.76
C GLU A 133 -34.60 5.73 16.48
N PRO A 134 -34.73 4.43 16.15
CA PRO A 134 -35.43 4.01 14.95
C PRO A 134 -36.96 4.03 15.06
N MET A 135 -37.63 4.39 13.97
CA MET A 135 -39.08 4.08 13.80
C MET A 135 -39.24 2.55 13.74
N LEU A 136 -40.39 2.06 14.18
CA LEU A 136 -40.73 0.61 14.00
C LEU A 136 -40.49 0.23 12.54
N PHE A 137 -39.87 -0.92 12.32
CA PHE A 137 -39.50 -1.45 11.00
C PHE A 137 -40.34 -2.71 10.73
N ASP A 138 -40.76 -2.84 9.46
CA ASP A 138 -41.60 -3.94 8.93
C ASP A 138 -40.73 -5.11 8.52
N ALA A 139 -40.58 -6.12 9.39
CA ALA A 139 -39.79 -7.35 9.14
C ALA A 139 -40.30 -8.13 7.90
N ALA A 140 -41.57 -7.95 7.50
CA ALA A 140 -42.08 -8.61 6.26
C ALA A 140 -41.20 -8.21 5.09
N LEU A 141 -40.61 -7.00 5.10
CA LEU A 141 -39.74 -6.55 3.97
C LEU A 141 -38.48 -7.42 3.86
N LEU A 142 -38.14 -8.19 4.91
CA LEU A 142 -36.96 -9.08 4.86
C LEU A 142 -37.25 -10.40 4.10
N GLY A 143 -38.51 -10.74 3.84
CA GLY A 143 -38.87 -12.08 3.36
C GLY A 143 -38.22 -13.15 4.24
N ASP A 144 -37.60 -14.15 3.61
CA ASP A 144 -37.07 -15.35 4.33
C ASP A 144 -35.88 -14.96 5.21
N GLU A 145 -35.26 -13.80 5.02
CA GLU A 145 -34.10 -13.36 5.88
C GLU A 145 -34.56 -12.97 7.28
N PHE A 146 -35.86 -12.76 7.50
CA PHE A 146 -36.40 -12.58 8.87
C PHE A 146 -35.97 -13.76 9.75
N ALA A 147 -35.89 -14.97 9.19
CA ALA A 147 -35.57 -16.20 9.95
C ALA A 147 -34.19 -16.10 10.59
N ASN A 148 -33.30 -15.28 10.03
CA ASN A 148 -31.86 -15.18 10.45
C ASN A 148 -31.56 -13.92 11.28
N LEU A 149 -32.56 -13.10 11.61
CA LEU A 149 -32.40 -11.94 12.51
C LEU A 149 -32.18 -12.44 13.94
N ARG A 150 -31.15 -11.93 14.61
CA ARG A 150 -30.98 -12.14 16.08
C ARG A 150 -32.14 -11.44 16.76
N MET A 151 -32.99 -12.17 17.50
CA MET A 151 -34.30 -11.61 17.93
C MET A 151 -34.15 -10.85 19.24
N ALA A 152 -34.95 -9.81 19.37
CA ALA A 152 -35.03 -8.95 20.57
C ALA A 152 -35.29 -9.82 21.80
N TYR A 153 -34.64 -9.50 22.90
CA TYR A 153 -34.93 -10.05 24.25
C TYR A 153 -36.39 -9.70 24.61
N THR A 154 -37.16 -10.65 25.14
CA THR A 154 -38.65 -10.56 25.19
C THR A 154 -39.02 -9.43 26.17
N GLY A 155 -38.13 -9.09 27.08
CA GLY A 155 -38.25 -7.96 28.01
C GLY A 155 -38.35 -6.61 27.32
N THR A 156 -37.86 -6.46 26.08
CA THR A 156 -37.90 -5.18 25.34
C THR A 156 -39.26 -5.04 24.63
N LEU A 157 -40.14 -6.03 24.79
CA LEU A 157 -41.45 -6.08 24.12
C LEU A 157 -42.57 -5.92 25.14
N LEU A 158 -43.72 -5.40 24.69
CA LEU A 158 -44.91 -5.19 25.55
C LEU A 158 -45.60 -6.54 25.81
N MET A 159 -45.77 -6.89 27.09
CA MET A 159 -46.29 -8.21 27.54
C MET A 159 -45.46 -9.31 26.84
N GLY A 160 -44.16 -9.06 26.61
CA GLY A 160 -43.24 -9.95 25.88
C GLY A 160 -43.67 -10.26 24.46
N LYS A 161 -44.47 -9.41 23.83
CA LYS A 161 -45.06 -9.67 22.48
C LYS A 161 -44.77 -8.51 21.53
N ALA A 162 -45.24 -7.30 21.90
CA ALA A 162 -45.45 -6.16 20.98
C ALA A 162 -44.24 -5.23 21.01
N SER A 163 -43.69 -4.95 19.84
CA SER A 163 -42.51 -4.04 19.68
C SER A 163 -42.96 -2.62 20.04
N MET A 164 -42.12 -1.87 20.78
CA MET A 164 -42.31 -0.39 20.98
C MET A 164 -41.00 0.36 20.76
N THR A 165 -41.10 1.65 20.42
CA THR A 165 -39.98 2.61 20.43
C THR A 165 -39.74 2.98 21.88
N ALA A 166 -38.56 3.46 22.20
CA ALA A 166 -38.22 4.00 23.53
C ALA A 166 -39.15 5.19 23.83
N THR A 167 -39.46 5.99 22.81
CA THR A 167 -40.39 7.14 22.97
C THR A 167 -41.76 6.61 23.44
N GLU A 168 -42.36 5.69 22.67
CA GLU A 168 -43.69 5.07 22.95
C GLU A 168 -43.62 4.44 24.33
N ALA A 169 -42.56 3.69 24.63
CA ALA A 169 -42.33 3.04 25.94
C ALA A 169 -42.36 4.11 27.03
N HIS A 170 -41.37 5.02 27.07
CA HIS A 170 -40.92 5.83 28.24
C HIS A 170 -42.11 6.29 29.09
N VAL A 171 -43.20 6.65 28.41
CA VAL A 171 -44.51 7.05 29.00
C VAL A 171 -44.93 6.04 30.09
N MET A 172 -44.79 4.75 29.80
N MET A 172 -44.79 4.75 29.80
CA MET A 172 -45.26 3.63 30.65
CA MET A 172 -45.26 3.64 30.66
C MET A 172 -44.35 3.48 31.90
C MET A 172 -44.35 3.48 31.90
N LEU A 173 -43.03 3.56 31.71
CA LEU A 173 -42.02 3.40 32.81
C LEU A 173 -42.09 4.60 33.76
N ALA A 174 -42.26 5.82 33.22
CA ALA A 174 -42.35 7.06 34.01
C ALA A 174 -43.79 7.24 34.58
N LYS A 175 -44.75 6.45 34.05
CA LYS A 175 -46.18 6.47 34.49
C LYS A 175 -46.78 7.85 34.16
N GLU A 176 -46.60 8.32 32.94
CA GLU A 176 -47.18 9.60 32.47
C GLU A 176 -48.62 9.34 32.04
N PRO A 177 -49.45 10.40 31.90
CA PRO A 177 -50.81 10.28 31.38
C PRO A 177 -50.88 9.72 29.96
N GLY A 178 -51.88 8.87 29.65
CA GLY A 178 -52.18 8.39 28.28
C GLY A 178 -51.58 7.02 27.98
N TRP A 179 -50.68 6.55 28.84
CA TRP A 179 -50.00 5.24 28.74
C TRP A 179 -50.99 4.12 28.40
N MET A 180 -52.23 4.24 28.87
CA MET A 180 -53.29 3.23 28.62
C MET A 180 -53.58 3.14 27.12
N LEU A 181 -53.93 4.23 26.44
CA LEU A 181 -54.19 4.21 24.97
C LEU A 181 -52.97 3.61 24.24
N GLN A 182 -51.76 3.82 24.77
CA GLN A 182 -50.50 3.35 24.10
C GLN A 182 -50.48 1.83 24.15
N VAL A 183 -50.61 1.26 25.36
CA VAL A 183 -50.74 -0.20 25.60
C VAL A 183 -51.78 -0.78 24.63
N ILE A 184 -52.95 -0.15 24.57
CA ILE A 184 -54.09 -0.58 23.71
C ILE A 184 -53.68 -0.47 22.24
N LYS A 185 -53.03 0.63 21.84
CA LYS A 185 -52.63 0.85 20.43
C LYS A 185 -51.64 -0.27 20.05
N SER A 186 -50.69 -0.57 20.93
CA SER A 186 -49.52 -1.46 20.67
C SER A 186 -49.99 -2.91 20.57
N LEU A 187 -50.64 -3.41 21.62
CA LEU A 187 -51.19 -4.80 21.65
C LEU A 187 -52.30 -4.95 20.63
N GLY A 188 -53.11 -3.90 20.48
CA GLY A 188 -54.10 -3.78 19.40
C GLY A 188 -53.50 -4.11 18.05
N ARG A 189 -52.50 -3.34 17.61
CA ARG A 189 -51.85 -3.49 16.28
C ARG A 189 -51.42 -4.95 16.08
N TYR A 190 -50.85 -5.55 17.14
CA TYR A 190 -50.23 -6.90 17.18
C TYR A 190 -51.29 -7.98 16.87
N TYR A 191 -52.40 -7.95 17.61
CA TYR A 191 -53.48 -8.97 17.51
C TYR A 191 -54.21 -8.79 16.17
N LEU A 192 -54.36 -7.58 15.68
CA LEU A 192 -55.13 -7.32 14.43
C LEU A 192 -54.24 -7.46 13.19
N ASP A 193 -53.00 -7.94 13.38
CA ASP A 193 -52.01 -8.09 12.27
C ASP A 193 -52.23 -9.47 11.66
N LEU A 194 -53.41 -9.73 11.10
CA LEU A 194 -53.97 -11.12 11.02
C LEU A 194 -53.24 -11.96 9.96
N PRO A 195 -53.08 -11.52 8.69
CA PRO A 195 -52.43 -12.38 7.70
C PRO A 195 -51.11 -12.93 8.30
N TRP A 196 -50.39 -12.10 9.06
CA TRP A 196 -49.06 -12.38 9.66
C TRP A 196 -49.20 -13.21 10.96
N ARG A 197 -50.15 -12.87 11.84
CA ARG A 197 -50.37 -13.59 13.13
C ARG A 197 -50.41 -15.11 12.88
N LEU A 198 -50.74 -15.54 11.66
CA LEU A 198 -50.97 -16.97 11.31
C LEU A 198 -49.67 -17.69 10.95
N LYS A 199 -48.58 -16.96 10.65
CA LYS A 199 -47.28 -17.61 10.29
C LYS A 199 -46.22 -17.34 11.36
N SER A 200 -46.44 -16.42 12.30
CA SER A 200 -45.43 -16.05 13.34
C SER A 200 -46.09 -15.52 14.62
N ARG A 201 -45.57 -15.90 15.77
CA ARG A 201 -45.87 -15.34 17.11
C ARG A 201 -44.99 -14.10 17.41
N HIS A 202 -43.98 -13.82 16.58
CA HIS A 202 -43.14 -12.59 16.65
C HIS A 202 -43.92 -11.41 16.05
N ASP A 203 -43.85 -10.24 16.70
CA ASP A 203 -44.38 -8.99 16.08
C ASP A 203 -43.62 -8.79 14.78
N ARG A 204 -44.37 -8.60 13.71
CA ARG A 204 -43.88 -8.23 12.36
C ARG A 204 -43.13 -6.88 12.42
N LYS A 205 -43.65 -5.98 13.24
CA LYS A 205 -43.02 -4.67 13.53
C LYS A 205 -41.91 -4.91 14.54
N ARG A 206 -40.72 -4.42 14.21
CA ARG A 206 -39.56 -4.48 15.12
C ARG A 206 -39.23 -3.05 15.61
N GLY A 207 -38.78 -2.97 16.84
CA GLY A 207 -38.37 -1.72 17.51
C GLY A 207 -36.94 -1.77 17.99
N LEU A 208 -36.43 -0.61 18.42
CA LEU A 208 -35.14 -0.50 19.13
C LEU A 208 -34.05 -1.11 18.26
N GLY A 209 -33.10 -1.85 18.85
CA GLY A 209 -31.97 -2.43 18.10
C GLY A 209 -32.45 -3.42 17.08
N ASN A 210 -33.60 -4.05 17.31
CA ASN A 210 -34.14 -5.03 16.33
C ASN A 210 -34.60 -4.29 15.06
N ALA A 211 -35.18 -3.10 15.20
CA ALA A 211 -35.52 -2.26 14.02
C ALA A 211 -34.25 -1.88 13.28
N MET A 212 -33.23 -1.49 14.03
N MET A 212 -33.23 -1.49 14.03
CA MET A 212 -31.93 -1.07 13.48
CA MET A 212 -31.92 -1.06 13.48
C MET A 212 -31.32 -2.22 12.65
C MET A 212 -31.32 -2.21 12.66
N ALA A 213 -31.20 -3.41 13.25
CA ALA A 213 -30.57 -4.58 12.60
C ALA A 213 -31.42 -5.06 11.41
N ALA A 214 -32.73 -5.13 11.56
CA ALA A 214 -33.65 -5.50 10.44
C ALA A 214 -33.48 -4.50 9.29
N GLY A 215 -33.56 -3.20 9.63
CA GLY A 215 -33.45 -2.13 8.61
C GLY A 215 -32.14 -2.17 7.87
N LEU A 216 -31.01 -2.40 8.57
CA LEU A 216 -29.68 -2.44 7.91
C LEU A 216 -29.59 -3.72 7.07
N ARG A 217 -30.17 -4.82 7.56
CA ARG A 217 -30.16 -6.08 6.76
C ARG A 217 -30.91 -5.82 5.45
N HIS A 218 -32.05 -5.16 5.53
CA HIS A 218 -32.90 -4.82 4.36
C HIS A 218 -32.12 -3.97 3.36
N ALA A 219 -31.38 -2.97 3.84
CA ALA A 219 -30.49 -2.13 3.00
C ALA A 219 -29.48 -3.00 2.24
N LEU A 220 -28.89 -3.99 2.88
CA LEU A 220 -27.92 -4.90 2.22
C LEU A 220 -28.67 -5.75 1.18
N LEU A 221 -29.90 -6.16 1.48
CA LEU A 221 -30.71 -7.02 0.57
C LEU A 221 -30.99 -6.24 -0.71
N GLU A 222 -31.48 -5.00 -0.58
CA GLU A 222 -31.76 -4.09 -1.74
C GLU A 222 -30.52 -3.91 -2.59
N ARG A 223 -29.34 -3.85 -2.00
CA ARG A 223 -28.06 -3.62 -2.73
C ARG A 223 -27.46 -4.96 -3.16
N LYS A 224 -28.05 -6.10 -2.75
CA LYS A 224 -27.56 -7.46 -3.05
C LYS A 224 -26.14 -7.63 -2.53
N VAL A 225 -25.85 -7.10 -1.35
CA VAL A 225 -24.53 -7.28 -0.73
C VAL A 225 -24.57 -8.63 -0.02
N PRO A 226 -23.68 -9.58 -0.36
CA PRO A 226 -23.71 -10.89 0.27
C PRO A 226 -23.33 -10.79 1.75
N LEU A 227 -24.02 -11.60 2.56
CA LEU A 227 -23.72 -11.77 4.00
C LEU A 227 -23.61 -13.28 4.28
N TRP A 228 -22.42 -13.77 4.58
CA TRP A 228 -22.21 -15.21 4.86
C TRP A 228 -22.34 -15.48 6.35
N LEU A 229 -23.38 -16.20 6.74
CA LEU A 229 -23.59 -16.65 8.15
C LEU A 229 -22.72 -17.88 8.40
N ASN A 230 -22.48 -18.19 9.68
CA ASN A 230 -21.75 -19.41 10.10
C ASN A 230 -20.37 -19.40 9.47
N THR A 231 -19.78 -18.19 9.30
CA THR A 231 -18.51 -17.99 8.57
C THR A 231 -17.58 -17.13 9.41
N PRO A 232 -17.00 -17.68 10.50
CA PRO A 232 -16.12 -16.91 11.36
C PRO A 232 -14.79 -16.54 10.70
N PHE A 233 -14.40 -15.28 10.86
CA PHE A 233 -13.01 -14.84 10.71
C PHE A 233 -12.11 -15.67 11.61
N GLU A 234 -10.95 -16.05 11.09
CA GLU A 234 -9.85 -16.69 11.87
C GLU A 234 -8.57 -15.87 11.88
N SER A 235 -8.16 -15.29 10.75
CA SER A 235 -6.85 -14.62 10.69
C SER A 235 -6.79 -13.62 9.55
N LEU A 236 -5.82 -12.75 9.60
CA LEU A 236 -5.56 -11.72 8.55
C LEU A 236 -4.56 -12.30 7.54
N ILE A 237 -4.72 -11.96 6.27
CA ILE A 237 -3.68 -12.18 5.22
C ILE A 237 -2.90 -10.86 5.06
N THR A 238 -1.57 -10.90 5.13
CA THR A 238 -0.71 -9.72 4.93
C THR A 238 0.34 -9.95 3.82
N GLU A 239 0.86 -8.83 3.29
CA GLU A 239 2.01 -8.77 2.36
C GLU A 239 2.98 -7.67 2.85
N GLY A 240 4.25 -7.76 2.45
CA GLY A 240 5.28 -6.74 2.71
C GLY A 240 6.36 -7.31 3.62
N ALA A 241 7.62 -7.02 3.33
CA ALA A 241 8.74 -7.41 4.21
C ALA A 241 8.84 -6.41 5.38
N GLU A 242 8.75 -5.09 5.12
CA GLU A 242 9.11 -4.04 6.13
C GLU A 242 7.89 -3.52 6.86
N ASN A 243 6.84 -3.20 6.12
CA ASN A 243 5.55 -2.74 6.67
C ASN A 243 4.47 -3.64 6.10
N LYS A 244 3.81 -4.42 6.97
CA LYS A 244 2.72 -5.34 6.60
C LYS A 244 1.48 -4.52 6.22
N ARG A 245 0.87 -4.91 5.11
CA ARG A 245 -0.41 -4.40 4.59
C ARG A 245 -1.37 -5.59 4.67
N VAL A 246 -2.64 -5.34 4.91
CA VAL A 246 -3.66 -6.40 5.01
C VAL A 246 -4.31 -6.50 3.65
N THR A 247 -4.33 -7.71 3.08
CA THR A 247 -4.81 -7.96 1.69
C THR A 247 -6.01 -8.90 1.69
N GLY A 248 -6.40 -9.41 2.86
CA GLY A 248 -7.53 -10.34 2.95
C GLY A 248 -7.68 -10.97 4.32
N ILE A 249 -8.52 -12.00 4.41
CA ILE A 249 -8.74 -12.75 5.66
C ILE A 249 -8.83 -14.24 5.32
N VAL A 250 -8.58 -15.07 6.32
CA VAL A 250 -8.99 -16.52 6.33
C VAL A 250 -10.26 -16.64 7.17
N VAL A 251 -11.28 -17.28 6.62
CA VAL A 251 -12.51 -17.70 7.35
C VAL A 251 -12.61 -19.24 7.35
N LYS A 252 -13.50 -19.73 8.19
CA LYS A 252 -13.97 -21.14 8.22
C LYS A 252 -15.38 -21.15 7.65
N ARG A 253 -15.55 -21.68 6.44
CA ARG A 253 -16.79 -21.58 5.63
C ARG A 253 -17.19 -23.01 5.22
N ASN A 254 -18.40 -23.44 5.55
CA ASN A 254 -18.85 -24.85 5.34
C ASN A 254 -17.83 -25.79 6.00
N GLY A 255 -17.24 -25.37 7.12
CA GLY A 255 -16.53 -26.27 8.04
C GLY A 255 -15.03 -26.36 7.79
N GLN A 256 -14.45 -25.56 6.87
CA GLN A 256 -12.99 -25.57 6.55
C GLN A 256 -12.43 -24.19 6.10
N THR A 257 -11.12 -24.03 6.05
CA THR A 257 -10.49 -22.70 5.82
C THR A 257 -10.67 -22.28 4.36
N LEU A 258 -10.90 -20.99 4.17
CA LEU A 258 -11.11 -20.35 2.85
C LEU A 258 -10.40 -19.00 2.87
N GLN A 259 -9.57 -18.73 1.87
CA GLN A 259 -8.77 -17.48 1.74
C GLN A 259 -9.61 -16.50 0.95
N LEU A 260 -9.84 -15.30 1.49
CA LEU A 260 -10.64 -14.24 0.83
C LEU A 260 -9.74 -13.04 0.60
N THR A 261 -9.80 -12.44 -0.57
CA THR A 261 -8.96 -11.26 -0.91
C THR A 261 -9.81 -10.00 -0.83
N ALA A 262 -9.25 -8.97 -0.18
CA ALA A 262 -9.83 -7.60 -0.14
C ALA A 262 -8.89 -6.68 -0.90
N ARG A 263 -9.29 -6.23 -2.08
CA ARG A 263 -8.45 -5.34 -2.92
C ARG A 263 -8.20 -4.00 -2.20
N ARG A 264 -9.21 -3.48 -1.48
CA ARG A 264 -9.21 -2.08 -0.97
C ARG A 264 -9.16 -2.05 0.56
N GLY A 265 -9.88 -2.93 1.25
CA GLY A 265 -9.82 -2.89 2.73
C GLY A 265 -10.61 -3.96 3.41
N VAL A 266 -10.17 -4.27 4.63
CA VAL A 266 -10.85 -5.16 5.59
C VAL A 266 -11.32 -4.27 6.74
N VAL A 267 -12.62 -4.34 7.03
CA VAL A 267 -13.21 -3.59 8.16
C VAL A 267 -13.52 -4.59 9.28
N LEU A 268 -12.83 -4.47 10.41
CA LEU A 268 -13.08 -5.32 11.60
C LEU A 268 -14.22 -4.67 12.40
N GLY A 269 -15.40 -5.24 12.34
CA GLY A 269 -16.56 -4.86 13.16
C GLY A 269 -17.16 -6.06 13.89
N ALA A 270 -16.32 -6.82 14.58
CA ALA A 270 -16.66 -8.13 15.16
C ALA A 270 -17.01 -8.01 16.63
N GLY A 271 -17.13 -6.78 17.16
CA GLY A 271 -17.41 -6.59 18.60
C GLY A 271 -16.22 -6.82 19.48
N GLY A 272 -16.46 -6.95 20.78
CA GLY A 272 -15.41 -6.95 21.79
C GLY A 272 -14.99 -8.36 22.21
N PHE A 273 -14.63 -8.50 23.47
CA PHE A 273 -14.10 -9.79 24.01
C PHE A 273 -14.83 -10.15 25.32
N GLU A 274 -16.03 -9.61 25.56
CA GLU A 274 -16.78 -9.79 26.84
C GLU A 274 -17.05 -11.29 27.09
N ARG A 275 -17.19 -12.10 26.04
CA ARG A 275 -17.49 -13.56 26.16
C ARG A 275 -16.23 -14.42 26.24
N ASN A 276 -15.04 -13.84 26.33
CA ASN A 276 -13.77 -14.59 26.42
C ASN A 276 -13.21 -14.41 27.83
N GLN A 277 -13.42 -15.42 28.70
CA GLN A 277 -13.05 -15.29 30.13
C GLN A 277 -11.54 -15.10 30.25
N GLN A 278 -10.73 -15.75 29.41
CA GLN A 278 -9.24 -15.59 29.50
C GLN A 278 -8.87 -14.11 29.24
N MET A 279 -9.47 -13.51 28.21
CA MET A 279 -9.17 -12.10 27.85
C MET A 279 -9.71 -11.16 28.95
N ARG A 280 -10.89 -11.47 29.54
CA ARG A 280 -11.41 -10.69 30.69
C ARG A 280 -10.38 -10.74 31.79
N GLU A 281 -9.90 -11.93 32.14
CA GLU A 281 -8.92 -12.00 33.26
C GLU A 281 -7.60 -11.32 32.88
N GLN A 282 -7.22 -11.36 31.61
CA GLN A 282 -5.96 -10.69 31.18
C GLN A 282 -6.11 -9.17 31.35
N TYR A 283 -7.27 -8.59 31.05
CA TYR A 283 -7.36 -7.13 30.80
C TYR A 283 -8.25 -6.40 31.80
N LEU A 284 -9.39 -6.99 32.20
CA LEU A 284 -10.43 -6.29 33.00
C LEU A 284 -10.17 -6.40 34.49
N PRO A 285 -10.74 -5.49 35.32
CA PRO A 285 -10.63 -5.61 36.75
C PRO A 285 -11.28 -6.89 37.25
N LYS A 286 -10.65 -7.49 38.27
CA LYS A 286 -11.21 -8.67 38.97
C LYS A 286 -12.03 -8.17 40.15
N PRO A 287 -13.10 -8.89 40.57
CA PRO A 287 -13.52 -10.13 39.92
C PRO A 287 -14.23 -9.86 38.60
N THR A 288 -14.16 -10.81 37.68
CA THR A 288 -14.70 -10.68 36.31
C THR A 288 -15.30 -12.00 35.93
N ASN A 289 -16.46 -11.98 35.29
CA ASN A 289 -17.15 -13.19 34.85
C ASN A 289 -17.96 -12.90 33.61
N ALA A 290 -17.68 -13.62 32.53
CA ALA A 290 -18.42 -13.52 31.27
C ALA A 290 -19.91 -13.78 31.52
N ALA A 291 -20.28 -14.63 32.49
CA ALA A 291 -21.70 -14.98 32.76
C ALA A 291 -22.49 -13.72 33.12
N TRP A 292 -21.83 -12.68 33.62
CA TRP A 292 -22.54 -11.45 34.08
C TRP A 292 -22.91 -10.56 32.89
N SER A 293 -22.42 -10.87 31.69
CA SER A 293 -22.65 -10.04 30.50
C SER A 293 -24.11 -10.12 30.07
N ALA A 294 -24.61 -9.05 29.45
CA ALA A 294 -25.95 -8.92 28.84
C ALA A 294 -25.90 -9.20 27.34
N THR A 295 -24.74 -9.54 26.79
CA THR A 295 -24.53 -9.67 25.34
C THR A 295 -24.90 -11.06 24.85
N PRO A 296 -25.04 -11.23 23.52
CA PRO A 296 -25.08 -12.57 22.93
C PRO A 296 -23.77 -13.32 23.12
N PRO A 297 -23.69 -14.59 22.66
CA PRO A 297 -22.58 -15.46 23.04
C PRO A 297 -21.19 -15.23 22.42
N HIS A 298 -21.14 -14.67 21.21
CA HIS A 298 -19.90 -14.80 20.36
C HIS A 298 -18.75 -13.80 20.51
N ASN A 299 -18.95 -12.57 20.98
CA ASN A 299 -17.81 -11.62 20.93
C ASN A 299 -16.69 -12.11 21.87
N THR A 300 -15.70 -12.80 21.29
CA THR A 300 -14.61 -13.51 22.02
C THR A 300 -13.25 -12.93 21.62
N GLY A 301 -13.20 -11.72 21.02
CA GLY A 301 -11.91 -11.03 20.84
C GLY A 301 -11.10 -11.64 19.68
N ASP A 302 -11.75 -12.33 18.76
CA ASP A 302 -11.07 -13.10 17.68
C ASP A 302 -10.27 -12.17 16.75
N THR A 303 -10.79 -11.01 16.40
CA THR A 303 -10.09 -10.07 15.49
C THR A 303 -9.09 -9.23 16.28
N ILE A 304 -9.34 -8.99 17.56
CA ILE A 304 -8.40 -8.24 18.42
C ILE A 304 -7.09 -9.01 18.50
N ARG A 305 -7.16 -10.31 18.80
CA ARG A 305 -5.94 -11.15 18.95
C ARG A 305 -5.18 -11.16 17.61
N ALA A 306 -5.88 -11.36 16.51
CA ALA A 306 -5.29 -11.52 15.15
C ALA A 306 -4.59 -10.23 14.73
N ALA A 307 -5.21 -9.07 15.02
CA ALA A 307 -4.62 -7.75 14.66
C ALA A 307 -3.41 -7.44 15.54
N MET A 308 -3.48 -7.73 16.85
CA MET A 308 -2.37 -7.45 17.77
C MET A 308 -1.18 -8.36 17.37
N ASP A 309 -1.47 -9.55 16.86
CA ASP A 309 -0.44 -10.49 16.35
C ASP A 309 0.37 -9.82 15.23
N ILE A 310 -0.23 -8.93 14.41
CA ILE A 310 0.54 -8.24 13.31
C ILE A 310 0.98 -6.82 13.72
N GLY A 311 0.94 -6.44 15.00
CA GLY A 311 1.52 -5.16 15.47
C GLY A 311 0.49 -4.06 15.78
N ALA A 312 -0.81 -4.33 15.66
CA ALA A 312 -1.85 -3.32 16.00
C ALA A 312 -1.70 -2.96 17.48
N ARG A 313 -1.87 -1.70 17.81
CA ARG A 313 -1.89 -1.20 19.20
C ARG A 313 -3.31 -1.30 19.77
N ALA A 314 -3.42 -1.58 21.06
CA ALA A 314 -4.72 -1.60 21.77
C ALA A 314 -4.72 -0.59 22.91
N GLU A 315 -5.88 -0.03 23.24
CA GLU A 315 -5.99 0.93 24.36
C GLU A 315 -7.33 0.70 25.08
N LEU A 316 -7.41 1.24 26.30
CA LEU A 316 -8.61 1.20 27.17
C LEU A 316 -9.02 -0.26 27.48
N MET A 317 -8.11 -1.23 27.41
CA MET A 317 -8.51 -2.68 27.46
C MET A 317 -9.02 -3.04 28.86
N ASP A 318 -8.75 -2.21 29.84
CA ASP A 318 -9.19 -2.45 31.25
C ASP A 318 -10.63 -1.96 31.47
N TRP A 319 -11.29 -1.36 30.45
CA TRP A 319 -12.66 -0.82 30.59
C TRP A 319 -13.68 -1.68 29.84
N ALA A 320 -14.86 -1.85 30.43
CA ALA A 320 -16.02 -2.44 29.75
C ALA A 320 -17.16 -1.41 29.80
N TRP A 321 -18.14 -1.62 28.95
CA TRP A 321 -19.39 -0.86 29.00
C TRP A 321 -20.23 -1.47 30.14
N TRP A 322 -19.92 -1.13 31.38
CA TRP A 322 -20.56 -1.78 32.56
C TRP A 322 -22.07 -1.55 32.52
N VAL A 323 -22.82 -2.55 32.99
CA VAL A 323 -24.24 -2.37 33.40
C VAL A 323 -24.48 -3.28 34.60
N PRO A 324 -25.22 -2.84 35.65
CA PRO A 324 -25.68 -3.75 36.68
C PRO A 324 -26.58 -4.78 35.98
N SER A 325 -26.39 -6.08 36.28
CA SER A 325 -27.14 -7.14 35.55
C SER A 325 -27.68 -8.19 36.53
N ILE A 326 -28.70 -8.90 36.05
CA ILE A 326 -29.53 -9.87 36.84
C ILE A 326 -29.54 -11.22 36.14
N HIS A 327 -29.22 -12.26 36.91
CA HIS A 327 -29.28 -13.67 36.46
C HIS A 327 -30.76 -14.04 36.33
N VAL A 328 -31.13 -14.58 35.20
CA VAL A 328 -32.45 -15.21 34.96
C VAL A 328 -32.24 -16.68 34.62
N PRO A 329 -32.79 -17.60 35.42
CA PRO A 329 -32.66 -19.05 35.11
C PRO A 329 -33.07 -19.37 33.68
N GLY A 330 -32.27 -20.17 33.01
CA GLY A 330 -32.59 -20.64 31.66
C GLY A 330 -32.19 -19.63 30.61
N GLU A 331 -31.71 -18.43 30.98
CA GLU A 331 -31.35 -17.41 29.95
C GLU A 331 -29.83 -17.28 29.87
N ALA A 332 -29.30 -17.34 28.65
CA ALA A 332 -27.84 -17.37 28.39
C ALA A 332 -27.19 -16.03 28.78
N ALA A 333 -27.93 -14.91 28.69
CA ALA A 333 -27.44 -13.56 29.04
C ALA A 333 -28.14 -13.07 30.31
N GLN A 334 -27.45 -12.28 31.12
CA GLN A 334 -28.07 -11.58 32.27
C GLN A 334 -28.80 -10.33 31.75
N THR A 335 -29.83 -9.89 32.48
CA THR A 335 -30.66 -8.72 32.10
C THR A 335 -30.04 -7.47 32.70
N GLY A 336 -29.77 -6.45 31.86
CA GLY A 336 -29.25 -5.18 32.39
C GLY A 336 -30.36 -4.34 33.01
N LEU A 337 -30.04 -3.63 34.07
CA LEU A 337 -30.95 -2.65 34.71
C LEU A 337 -30.57 -1.26 34.18
N PHE A 338 -31.17 -0.85 33.06
CA PHE A 338 -30.82 0.45 32.40
C PHE A 338 -31.58 1.59 33.02
N ALA A 339 -32.90 1.45 33.19
CA ALA A 339 -33.81 2.58 33.54
C ALA A 339 -34.37 2.46 34.96
N GLU A 340 -34.61 1.23 35.43
CA GLU A 340 -35.57 0.96 36.55
C GLU A 340 -34.93 1.40 37.89
N ARG A 341 -33.61 1.49 37.98
CA ARG A 341 -32.94 1.93 39.22
C ARG A 341 -33.32 3.38 39.59
N ASN A 342 -33.72 4.18 38.61
CA ASN A 342 -34.05 5.62 38.84
C ASN A 342 -35.39 5.74 39.56
N LEU A 343 -36.17 4.67 39.58
CA LEU A 343 -37.54 4.66 40.19
C LEU A 343 -37.46 4.81 41.70
N PRO A 344 -38.49 5.43 42.32
CA PRO A 344 -38.44 5.78 43.74
C PRO A 344 -38.74 4.59 44.66
N GLY A 345 -37.92 4.40 45.70
CA GLY A 345 -38.12 3.37 46.74
C GLY A 345 -37.12 2.23 46.66
N CYS A 346 -36.11 2.29 45.80
CA CYS A 346 -35.09 1.19 45.73
C CYS A 346 -33.73 1.73 46.13
N ILE A 347 -32.94 0.94 46.85
CA ILE A 347 -31.57 1.36 47.23
C ILE A 347 -30.60 0.25 46.86
N VAL A 348 -29.35 0.64 46.62
CA VAL A 348 -28.26 -0.34 46.36
C VAL A 348 -27.31 -0.30 47.55
N VAL A 349 -26.98 -1.48 48.08
CA VAL A 349 -26.06 -1.59 49.23
C VAL A 349 -24.99 -2.65 48.94
N ASN A 350 -23.86 -2.47 49.62
CA ASN A 350 -22.76 -3.48 49.73
C ASN A 350 -23.09 -4.45 50.86
N GLY A 351 -22.17 -5.35 51.19
CA GLY A 351 -22.39 -6.39 52.20
C GLY A 351 -22.46 -5.83 53.60
N LYS A 352 -21.95 -4.62 53.81
CA LYS A 352 -22.07 -3.87 55.09
C LYS A 352 -23.43 -3.16 55.18
N GLY A 353 -24.31 -3.36 54.19
CA GLY A 353 -25.62 -2.70 54.10
C GLY A 353 -25.55 -1.19 53.86
N GLN A 354 -24.43 -0.68 53.35
CA GLN A 354 -24.25 0.78 53.14
C GLN A 354 -24.46 1.09 51.65
N ARG A 355 -25.03 2.26 51.35
CA ARG A 355 -25.08 2.80 49.97
C ARG A 355 -23.69 3.29 49.57
N PHE A 356 -23.36 3.26 48.26
CA PHE A 356 -22.02 3.71 47.77
C PHE A 356 -22.12 4.46 46.45
N ILE A 357 -23.32 4.47 45.86
CA ILE A 357 -23.56 5.05 44.50
C ILE A 357 -24.97 5.62 44.43
N ASN A 358 -25.08 6.77 43.75
CA ASN A 358 -26.36 7.26 43.19
C ASN A 358 -27.02 6.12 42.43
N GLU A 359 -28.19 5.62 42.89
CA GLU A 359 -28.85 4.48 42.21
C GLU A 359 -29.25 4.86 40.78
N ALA A 360 -29.53 6.14 40.52
CA ALA A 360 -29.84 6.66 39.18
C ALA A 360 -28.57 6.95 38.37
N SER A 361 -27.36 6.69 38.87
CA SER A 361 -26.11 6.89 38.08
C SER A 361 -26.31 6.29 36.69
N PRO A 362 -25.79 6.91 35.61
CA PRO A 362 -25.60 6.19 34.36
C PRO A 362 -24.91 4.85 34.64
N TYR A 363 -25.27 3.82 33.84
CA TYR A 363 -24.83 2.42 34.08
C TYR A 363 -23.31 2.29 34.02
N LEU A 364 -22.61 3.02 33.14
CA LEU A 364 -21.12 2.90 33.08
C LEU A 364 -20.51 3.26 34.42
N GLU A 365 -20.89 4.41 34.97
CA GLU A 365 -20.33 4.91 36.25
C GLU A 365 -20.80 4.03 37.40
N PHE A 366 -22.01 3.47 37.30
CA PHE A 366 -22.55 2.54 38.33
C PHE A 366 -21.60 1.32 38.45
N GLY A 367 -21.32 0.62 37.34
CA GLY A 367 -20.34 -0.49 37.28
C GLY A 367 -18.99 -0.08 37.87
N ALA A 368 -18.46 1.06 37.45
CA ALA A 368 -17.15 1.53 37.94
C ALA A 368 -17.21 1.72 39.45
N ALA A 369 -18.32 2.22 39.99
CA ALA A 369 -18.47 2.49 41.43
C ALA A 369 -18.55 1.15 42.18
N MET A 370 -19.12 0.11 41.59
CA MET A 370 -19.16 -1.25 42.25
C MET A 370 -17.71 -1.71 42.48
N TYR A 371 -16.86 -1.58 41.47
CA TYR A 371 -15.42 -1.96 41.58
C TYR A 371 -14.72 -1.06 42.59
N GLU A 372 -15.02 0.23 42.57
CA GLU A 372 -14.36 1.19 43.47
C GLU A 372 -14.73 0.85 44.91
N ASN A 373 -16.01 0.60 45.21
CA ASN A 373 -16.40 0.25 46.60
C ASN A 373 -15.90 -1.17 46.97
N HIS A 374 -15.85 -2.10 46.03
CA HIS A 374 -15.43 -3.51 46.30
C HIS A 374 -13.98 -3.51 46.80
N ALA A 375 -13.16 -2.58 46.31
CA ALA A 375 -11.73 -2.47 46.67
C ALA A 375 -11.62 -1.99 48.12
N ARG A 376 -12.58 -1.22 48.62
CA ARG A 376 -12.61 -0.74 50.03
C ARG A 376 -13.31 -1.74 50.95
N SER A 377 -14.47 -2.26 50.54
CA SER A 377 -15.43 -2.98 51.42
C SER A 377 -15.23 -4.48 51.31
N GLY A 378 -14.76 -4.95 50.15
CA GLY A 378 -14.70 -6.39 49.81
C GLY A 378 -16.03 -7.02 49.52
N SER A 379 -17.12 -6.25 49.40
CA SER A 379 -18.46 -6.83 49.25
C SER A 379 -19.38 -5.92 48.41
N ALA A 380 -18.95 -5.45 47.24
CA ALA A 380 -19.80 -4.64 46.33
C ALA A 380 -19.84 -5.23 44.93
N VAL A 381 -19.11 -6.30 44.63
CA VAL A 381 -19.31 -7.05 43.35
C VAL A 381 -19.58 -8.48 43.74
N PRO A 382 -20.83 -9.01 43.63
CA PRO A 382 -22.03 -8.22 43.34
C PRO A 382 -22.48 -7.35 44.49
N ALA A 383 -23.48 -6.49 44.22
CA ALA A 383 -24.14 -5.62 45.21
C ALA A 383 -25.62 -6.01 45.24
N TRP A 384 -26.40 -5.35 46.09
CA TRP A 384 -27.78 -5.76 46.43
C TRP A 384 -28.72 -4.60 46.19
N LEU A 385 -29.80 -4.89 45.49
CA LEU A 385 -30.89 -3.89 45.28
C LEU A 385 -32.04 -4.27 46.19
N ILE A 386 -32.51 -3.32 47.00
CA ILE A 386 -33.55 -3.51 48.06
C ILE A 386 -34.75 -2.61 47.75
N PHE A 387 -35.97 -3.17 47.80
CA PHE A 387 -37.21 -2.35 47.71
C PHE A 387 -38.35 -3.06 48.46
N ASP A 388 -39.49 -2.39 48.62
CA ASP A 388 -40.62 -2.90 49.44
C ASP A 388 -41.76 -3.36 48.56
N GLY A 389 -42.87 -3.76 49.19
CA GLY A 389 -44.04 -4.28 48.45
C GLY A 389 -44.75 -3.25 47.60
N LYS A 390 -44.67 -1.96 47.95
CA LYS A 390 -45.30 -0.92 47.09
C LYS A 390 -44.48 -0.77 45.80
N PHE A 391 -43.15 -0.73 45.89
CA PHE A 391 -42.27 -0.71 44.69
C PHE A 391 -42.61 -1.91 43.81
N ARG A 392 -42.60 -3.08 44.44
CA ARG A 392 -42.86 -4.38 43.78
C ARG A 392 -44.16 -4.32 42.99
N TYR A 393 -45.22 -3.82 43.62
CA TYR A 393 -46.57 -3.74 43.00
C TYR A 393 -46.54 -2.78 41.80
N ASN A 394 -45.85 -1.64 41.95
CA ASN A 394 -45.93 -0.51 40.97
C ASN A 394 -44.98 -0.66 39.77
N TYR A 395 -43.82 -1.28 39.93
CA TYR A 395 -42.67 -1.03 39.01
C TYR A 395 -42.05 -2.30 38.49
N PRO A 396 -41.48 -2.28 37.26
CA PRO A 396 -40.70 -3.41 36.75
C PRO A 396 -39.31 -3.33 37.37
N MET A 397 -38.57 -4.44 37.32
CA MET A 397 -37.13 -4.46 37.67
C MET A 397 -36.47 -5.62 36.92
N GLY A 398 -35.87 -5.31 35.78
CA GLY A 398 -35.35 -6.31 34.84
C GLY A 398 -36.41 -7.33 34.49
N PRO A 399 -36.19 -8.65 34.78
CA PRO A 399 -37.19 -9.65 34.46
C PRO A 399 -38.49 -9.55 35.28
N LEU A 400 -38.52 -8.83 36.39
CA LEU A 400 -39.76 -8.68 37.20
C LEU A 400 -40.64 -7.61 36.54
N MET A 401 -41.84 -7.98 36.16
CA MET A 401 -42.91 -7.03 35.76
C MET A 401 -43.62 -6.55 37.02
N PRO A 402 -44.31 -5.39 36.97
CA PRO A 402 -45.02 -4.89 38.16
C PRO A 402 -45.94 -5.98 38.74
N GLY A 403 -45.91 -6.12 40.07
CA GLY A 403 -46.73 -7.11 40.80
C GLY A 403 -48.22 -6.95 40.50
N GLN A 404 -48.66 -5.74 40.17
CA GLN A 404 -50.06 -5.45 39.76
C GLN A 404 -50.45 -6.34 38.56
N ILE A 405 -49.53 -6.66 37.66
CA ILE A 405 -49.86 -7.49 36.46
C ILE A 405 -49.23 -8.90 36.54
N GLN A 406 -48.17 -9.13 37.33
CA GLN A 406 -47.46 -10.45 37.41
C GLN A 406 -47.15 -10.75 38.87
N PRO A 407 -47.75 -11.78 39.46
CA PRO A 407 -47.45 -12.16 40.85
C PRO A 407 -46.06 -12.81 40.93
N ASP A 408 -45.50 -12.90 42.13
CA ASP A 408 -44.20 -13.54 42.42
C ASP A 408 -44.17 -14.96 41.85
N ARG A 409 -43.12 -15.31 41.12
CA ARG A 409 -42.96 -16.67 40.54
C ARG A 409 -42.20 -17.54 41.56
N LYS A 410 -42.75 -18.69 41.94
CA LYS A 410 -42.10 -19.62 42.91
C LYS A 410 -40.73 -20.07 42.41
N ALA A 411 -40.63 -20.43 41.14
CA ALA A 411 -39.39 -20.93 40.49
C ALA A 411 -38.29 -19.86 40.58
N TRP A 412 -38.65 -18.60 40.79
CA TRP A 412 -37.67 -17.47 40.80
C TRP A 412 -37.23 -17.12 42.23
N LEU A 413 -37.91 -17.66 43.25
CA LEU A 413 -37.54 -17.35 44.65
C LEU A 413 -36.13 -17.88 44.94
N GLY A 414 -35.26 -17.02 45.47
CA GLY A 414 -33.84 -17.30 45.73
C GLY A 414 -33.01 -17.39 44.46
N LYS A 415 -33.59 -17.12 43.29
CA LYS A 415 -32.82 -17.14 42.00
C LYS A 415 -32.82 -15.74 41.35
N VAL A 416 -34.00 -15.15 41.16
CA VAL A 416 -34.18 -13.78 40.57
C VAL A 416 -34.46 -12.77 41.68
N TYR A 417 -35.11 -13.17 42.77
CA TYR A 417 -35.40 -12.26 43.89
C TYR A 417 -35.44 -13.05 45.20
N TRP A 418 -35.09 -12.38 46.29
CA TRP A 418 -35.28 -12.87 47.67
C TRP A 418 -36.39 -12.03 48.32
N ARG A 419 -37.21 -12.65 49.16
CA ARG A 419 -38.42 -12.02 49.75
C ARG A 419 -38.45 -12.33 51.24
N ASP A 420 -38.81 -11.34 52.05
CA ASP A 420 -38.89 -11.50 53.52
C ASP A 420 -39.89 -10.49 54.10
N ASP A 421 -40.56 -10.88 55.19
CA ASP A 421 -41.52 -10.03 55.89
C ASP A 421 -40.81 -8.89 56.60
N THR A 422 -39.54 -9.07 56.97
CA THR A 422 -38.73 -8.03 57.66
C THR A 422 -37.45 -7.74 56.89
N LEU A 423 -36.91 -6.55 57.10
CA LEU A 423 -35.59 -6.14 56.57
C LEU A 423 -34.47 -6.98 57.20
N GLU A 424 -34.55 -7.26 58.50
CA GLU A 424 -33.54 -8.12 59.18
C GLU A 424 -33.55 -9.52 58.55
N GLY A 425 -34.73 -10.07 58.29
CA GLY A 425 -34.89 -11.40 57.69
C GLY A 425 -34.25 -11.44 56.30
N LEU A 426 -34.57 -10.45 55.47
CA LEU A 426 -34.00 -10.29 54.10
C LEU A 426 -32.47 -10.21 54.17
N ALA A 427 -31.91 -9.36 55.03
CA ALA A 427 -30.47 -9.11 55.16
C ALA A 427 -29.76 -10.46 55.37
N LYS A 428 -30.35 -11.32 56.21
CA LYS A 428 -29.67 -12.59 56.56
C LYS A 428 -29.66 -13.52 55.33
N GLN A 429 -30.71 -13.53 54.52
CA GLN A 429 -30.83 -14.38 53.31
C GLN A 429 -29.72 -14.02 52.30
N ILE A 430 -29.29 -12.76 52.27
CA ILE A 430 -28.38 -12.23 51.21
C ILE A 430 -26.99 -11.92 51.77
N GLY A 431 -26.74 -12.16 53.06
CA GLY A 431 -25.41 -12.00 53.65
C GLY A 431 -25.02 -10.56 53.83
N VAL A 432 -26.01 -9.69 54.04
CA VAL A 432 -25.84 -8.25 54.25
C VAL A 432 -26.05 -7.95 55.74
N ASP A 433 -25.23 -7.07 56.29
CA ASP A 433 -25.29 -6.58 57.68
C ASP A 433 -26.67 -5.95 57.91
N ALA A 434 -27.46 -6.50 58.84
CA ALA A 434 -28.85 -6.07 59.13
C ALA A 434 -28.85 -4.64 59.69
N ALA A 435 -27.94 -4.31 60.61
CA ALA A 435 -27.90 -2.97 61.25
C ALA A 435 -27.58 -1.91 60.19
N GLY A 436 -26.64 -2.18 59.28
CA GLY A 436 -26.31 -1.27 58.16
C GLY A 436 -27.53 -1.04 57.27
N LEU A 437 -28.17 -2.12 56.84
CA LEU A 437 -29.34 -2.01 55.93
C LEU A 437 -30.44 -1.21 56.63
N LYS A 438 -30.68 -1.46 57.91
CA LYS A 438 -31.71 -0.71 58.67
C LYS A 438 -31.36 0.77 58.65
N GLN A 439 -30.11 1.12 58.90
CA GLN A 439 -29.63 2.52 58.88
C GLN A 439 -29.88 3.13 57.47
N SER A 440 -29.57 2.39 56.41
CA SER A 440 -29.71 2.88 55.01
C SER A 440 -31.19 3.12 54.69
N VAL A 441 -32.08 2.25 55.16
CA VAL A 441 -33.53 2.41 54.93
C VAL A 441 -34.04 3.64 55.72
N GLU A 442 -33.62 3.80 56.98
CA GLU A 442 -34.02 4.98 57.82
C GLU A 442 -33.57 6.27 57.14
N LEU A 443 -32.33 6.34 56.64
CA LEU A 443 -31.82 7.54 55.92
C LEU A 443 -32.64 7.78 54.64
N ASN A 444 -32.96 6.74 53.90
CA ASN A 444 -33.75 6.84 52.64
C ASN A 444 -35.08 7.52 52.97
N ASN A 445 -35.74 7.06 54.03
CA ASN A 445 -37.09 7.53 54.41
C ASN A 445 -37.01 9.03 54.74
N GLN A 446 -35.96 9.47 55.43
CA GLN A 446 -35.73 10.91 55.71
C GLN A 446 -35.51 11.66 54.39
N TYR A 447 -34.67 11.12 53.50
CA TYR A 447 -34.36 11.76 52.20
C TYR A 447 -35.64 11.93 51.38
N ALA A 448 -36.48 10.90 51.35
CA ALA A 448 -37.70 10.89 50.52
C ALA A 448 -38.66 12.00 51.00
N GLN A 449 -38.66 12.29 52.29
CA GLN A 449 -39.59 13.28 52.90
C GLN A 449 -39.31 14.68 52.32
N ASP A 450 -38.08 15.18 52.35
CA ASP A 450 -37.80 16.53 51.80
C ASP A 450 -37.15 16.46 50.41
N GLY A 451 -37.05 15.27 49.78
CA GLY A 451 -36.64 15.07 48.37
C GLY A 451 -35.15 15.29 48.12
N LYS A 452 -34.30 15.17 49.14
N LYS A 452 -34.30 15.19 49.14
CA LYS A 452 -32.83 15.38 49.01
CA LYS A 452 -32.83 15.37 48.98
C LYS A 452 -32.08 14.16 49.55
C LYS A 452 -32.08 14.16 49.55
N ASP A 453 -31.39 13.45 48.66
CA ASP A 453 -30.46 12.37 49.01
C ASP A 453 -29.15 13.06 49.41
N ARG A 454 -28.90 13.15 50.71
CA ARG A 454 -27.79 13.95 51.25
C ARG A 454 -26.44 13.29 50.97
N GLU A 455 -26.39 12.01 50.58
CA GLU A 455 -25.11 11.30 50.33
C GLU A 455 -24.77 11.26 48.83
N PHE A 456 -25.69 10.87 47.97
CA PHE A 456 -25.37 10.71 46.52
C PHE A 456 -26.28 11.53 45.58
N ASP A 457 -27.16 12.38 46.12
CA ASP A 457 -28.00 13.32 45.34
C ASP A 457 -28.80 12.61 44.24
N LYS A 458 -29.35 11.41 44.50
CA LYS A 458 -30.27 10.76 43.53
C LYS A 458 -31.41 11.74 43.19
N GLY A 459 -31.71 11.93 41.89
CA GLY A 459 -32.79 12.80 41.41
C GLY A 459 -32.38 14.26 41.37
N GLY A 460 -31.10 14.59 41.56
CA GLY A 460 -30.61 15.98 41.62
C GLY A 460 -30.41 16.64 40.25
N ASN A 461 -30.70 15.96 39.16
CA ASN A 461 -30.56 16.54 37.80
C ASN A 461 -31.58 15.91 36.88
N VAL A 462 -31.77 16.46 35.66
CA VAL A 462 -32.85 16.05 34.73
C VAL A 462 -32.59 14.65 34.17
N PHE A 463 -31.34 14.19 34.09
CA PHE A 463 -31.09 12.81 33.62
C PHE A 463 -31.70 11.83 34.63
N ASP A 464 -31.32 11.94 35.89
CA ASP A 464 -31.84 11.07 36.97
C ASP A 464 -33.38 11.04 36.92
N ARG A 465 -33.99 12.22 36.81
CA ARG A 465 -35.47 12.37 36.92
C ARG A 465 -36.17 11.85 35.68
N TYR A 466 -35.50 11.69 34.55
CA TYR A 466 -36.10 11.19 33.29
C TYR A 466 -36.80 9.84 33.55
N TYR A 467 -36.19 8.96 34.33
CA TYR A 467 -36.71 7.60 34.61
C TYR A 467 -37.25 7.51 36.04
N GLY A 468 -37.44 8.65 36.72
CA GLY A 468 -38.22 8.69 37.98
C GLY A 468 -39.73 8.53 37.70
N ASP A 469 -40.52 8.54 38.76
CA ASP A 469 -42.02 8.49 38.67
C ASP A 469 -42.51 9.93 38.77
N TYR A 470 -42.97 10.47 37.64
CA TYR A 470 -43.70 11.73 37.42
C TYR A 470 -44.56 12.11 38.64
N ASN A 471 -45.33 11.15 39.17
CA ASN A 471 -46.34 11.36 40.25
C ASN A 471 -45.68 11.61 41.60
N VAL A 472 -44.39 11.29 41.76
CA VAL A 472 -43.78 11.26 43.12
C VAL A 472 -43.03 12.57 43.32
N LYS A 473 -43.34 13.23 44.45
CA LYS A 473 -42.86 14.59 44.79
C LYS A 473 -42.40 14.54 46.23
N PRO A 474 -41.43 15.40 46.66
CA PRO A 474 -40.81 16.41 45.80
C PRO A 474 -39.81 15.88 44.74
N ASN A 475 -39.24 14.69 44.97
CA ASN A 475 -38.20 14.09 44.10
C ASN A 475 -38.77 12.81 43.49
N PRO A 476 -38.93 12.71 42.14
CA PRO A 476 -39.56 11.56 41.52
C PRO A 476 -38.70 10.29 41.63
N CYS A 477 -37.46 10.42 42.13
CA CYS A 477 -36.51 9.29 42.29
C CYS A 477 -36.49 8.77 43.73
N LEU A 478 -37.16 9.42 44.70
CA LEU A 478 -37.02 9.03 46.13
C LEU A 478 -38.42 8.75 46.72
N ALA A 479 -38.61 7.56 47.31
CA ALA A 479 -39.85 7.23 48.08
C ALA A 479 -39.47 6.41 49.30
N PRO A 480 -40.33 6.40 50.34
CA PRO A 480 -40.10 5.55 51.50
C PRO A 480 -40.06 4.05 51.21
N ILE A 481 -39.29 3.34 52.04
CA ILE A 481 -39.23 1.85 52.07
C ILE A 481 -39.79 1.44 53.43
N GLY A 482 -40.98 0.86 53.46
CA GLY A 482 -41.62 0.51 54.75
C GLY A 482 -42.87 -0.36 54.66
N LYS A 483 -43.27 -0.86 53.49
CA LYS A 483 -44.44 -1.75 53.38
C LYS A 483 -43.99 -3.16 53.01
N PRO A 484 -44.14 -4.15 53.92
CA PRO A 484 -43.78 -5.53 53.63
C PRO A 484 -44.60 -6.12 52.51
N PRO A 485 -44.14 -7.20 51.82
CA PRO A 485 -42.84 -7.79 52.04
C PRO A 485 -41.70 -6.99 51.38
N TYR A 486 -40.48 -7.26 51.81
CA TYR A 486 -39.21 -6.64 51.32
C TYR A 486 -38.55 -7.59 50.33
N TYR A 487 -37.93 -7.01 49.30
CA TYR A 487 -37.34 -7.77 48.18
C TYR A 487 -35.88 -7.38 48.04
N ALA A 488 -35.05 -8.34 47.65
CA ALA A 488 -33.65 -8.10 47.26
C ALA A 488 -33.44 -8.72 45.90
N MET A 489 -32.59 -8.07 45.10
CA MET A 489 -32.10 -8.61 43.83
C MET A 489 -30.57 -8.44 43.82
N ARG A 490 -29.91 -9.43 43.27
CA ARG A 490 -28.44 -9.49 43.18
C ARG A 490 -28.01 -8.75 41.91
N VAL A 491 -27.30 -7.67 42.09
CA VAL A 491 -26.78 -6.84 40.97
C VAL A 491 -25.31 -7.23 40.70
N ASP A 492 -25.11 -7.90 39.59
CA ASP A 492 -23.75 -8.29 39.15
C ASP A 492 -23.09 -7.13 38.40
N ALA A 493 -21.76 -7.08 38.39
CA ALA A 493 -21.03 -6.09 37.55
C ALA A 493 -21.05 -6.58 36.12
N GLY A 494 -22.20 -6.44 35.45
CA GLY A 494 -22.42 -6.85 34.06
C GLY A 494 -21.82 -5.86 33.06
N ASP A 495 -22.07 -6.13 31.79
CA ASP A 495 -21.57 -5.32 30.67
C ASP A 495 -22.50 -5.54 29.47
N ILE A 496 -22.43 -4.60 28.54
CA ILE A 496 -23.03 -4.67 27.20
C ILE A 496 -21.91 -4.75 26.16
N GLY A 497 -20.75 -5.24 26.54
CA GLY A 497 -19.57 -5.33 25.65
C GLY A 497 -18.35 -4.75 26.35
N THR A 498 -17.15 -5.08 25.85
CA THR A 498 -15.91 -4.40 26.24
C THR A 498 -15.80 -3.05 25.52
N LYS A 499 -15.05 -2.14 26.09
CA LYS A 499 -14.96 -0.71 25.67
C LYS A 499 -13.62 -0.40 25.01
N GLY A 500 -12.58 -1.16 25.33
CA GLY A 500 -11.23 -0.99 24.78
C GLY A 500 -11.07 -1.84 23.56
N GLY A 501 -9.99 -1.66 22.81
CA GLY A 501 -9.76 -2.42 21.59
C GLY A 501 -8.66 -1.82 20.76
N LEU A 502 -8.67 -2.17 19.49
CA LEU A 502 -7.63 -1.71 18.54
C LEU A 502 -7.68 -0.19 18.44
N LEU A 503 -6.52 0.45 18.55
CA LEU A 503 -6.40 1.91 18.40
C LEU A 503 -6.61 2.24 16.93
N THR A 504 -7.45 3.22 16.65
CA THR A 504 -7.68 3.73 15.30
C THR A 504 -7.44 5.25 15.25
N ASP A 505 -7.38 5.76 14.03
CA ASP A 505 -7.32 7.20 13.71
C ASP A 505 -8.74 7.66 13.35
N LYS A 506 -8.84 8.91 12.91
CA LYS A 506 -10.12 9.59 12.62
C LYS A 506 -10.88 8.92 11.48
N ASP A 507 -10.22 8.11 10.67
CA ASP A 507 -10.83 7.45 9.50
C ASP A 507 -10.96 5.93 9.76
N ALA A 508 -10.86 5.53 11.02
CA ALA A 508 -11.02 4.15 11.51
C ALA A 508 -9.88 3.24 11.08
N ARG A 509 -8.73 3.80 10.67
CA ARG A 509 -7.56 2.98 10.29
C ARG A 509 -6.94 2.43 11.55
N VAL A 510 -6.63 1.13 11.55
CA VAL A 510 -5.89 0.56 12.69
C VAL A 510 -4.46 1.12 12.72
N LEU A 511 -4.00 1.50 13.89
CA LEU A 511 -2.63 2.02 14.13
C LEU A 511 -1.76 0.96 14.81
N ASP A 512 -0.46 0.93 14.44
CA ASP A 512 0.54 0.06 15.09
C ASP A 512 1.12 0.78 16.31
N GLU A 513 2.11 0.18 16.98
CA GLU A 513 2.72 0.73 18.23
C GLU A 513 3.42 2.07 17.95
N SER A 514 3.67 2.41 16.68
CA SER A 514 4.32 3.67 16.26
C SER A 514 3.30 4.67 15.73
N ASP A 515 1.99 4.44 15.93
CA ASP A 515 0.90 5.32 15.40
C ASP A 515 0.91 5.34 13.88
N ARG A 516 1.51 4.34 13.22
CA ARG A 516 1.46 4.22 11.74
C ARG A 516 0.26 3.37 11.35
N PRO A 517 -0.61 3.85 10.44
CA PRO A 517 -1.70 3.02 9.92
C PRO A 517 -1.20 1.72 9.32
N ILE A 518 -1.90 0.64 9.65
CA ILE A 518 -1.75 -0.65 8.94
C ILE A 518 -2.61 -0.55 7.69
N GLU A 519 -1.94 -0.35 6.56
CA GLU A 519 -2.59 -0.19 5.23
C GLU A 519 -3.55 -1.36 5.04
N GLY A 520 -4.77 -1.06 4.59
CA GLY A 520 -5.84 -2.01 4.28
C GLY A 520 -6.74 -2.41 5.47
N LEU A 521 -6.43 -1.97 6.69
CA LEU A 521 -7.14 -2.48 7.91
C LEU A 521 -7.84 -1.32 8.63
N TYR A 522 -9.15 -1.48 8.79
CA TYR A 522 -10.04 -0.56 9.50
C TYR A 522 -10.68 -1.32 10.66
N CYS A 523 -11.19 -0.59 11.65
CA CYS A 523 -11.79 -1.22 12.84
C CYS A 523 -12.78 -0.25 13.46
N ILE A 524 -13.98 -0.75 13.78
CA ILE A 524 -15.11 0.09 14.25
C ILE A 524 -15.81 -0.63 15.41
N GLY A 525 -16.64 0.09 16.14
CA GLY A 525 -17.46 -0.49 17.21
C GLY A 525 -16.61 -1.01 18.35
N ASN A 526 -17.13 -1.99 19.10
CA ASN A 526 -16.44 -2.42 20.35
C ASN A 526 -15.17 -3.23 20.02
N ASN A 527 -14.96 -3.58 18.76
CA ASN A 527 -13.68 -4.14 18.24
C ASN A 527 -12.57 -3.10 18.40
N SER A 528 -12.90 -1.80 18.46
CA SER A 528 -11.97 -0.66 18.50
C SER A 528 -11.98 -0.05 19.90
N ALA A 529 -10.89 0.59 20.28
CA ALA A 529 -10.83 1.46 21.46
C ALA A 529 -11.83 2.62 21.29
N SER A 530 -12.67 2.83 22.30
CA SER A 530 -13.80 3.77 22.31
C SER A 530 -13.35 5.21 22.07
N VAL A 531 -14.02 5.87 21.14
CA VAL A 531 -13.80 7.33 20.87
C VAL A 531 -14.26 8.11 22.10
N MET A 532 -15.03 7.47 22.99
CA MET A 532 -15.60 8.12 24.18
C MET A 532 -14.69 7.93 25.40
N GLY A 533 -13.50 7.40 25.20
CA GLY A 533 -12.52 7.28 26.31
C GLY A 533 -13.05 6.39 27.43
N LYS A 534 -13.09 6.90 28.66
CA LYS A 534 -13.67 6.16 29.82
C LYS A 534 -15.06 6.70 30.13
N ALA A 535 -15.79 7.18 29.12
CA ALA A 535 -17.06 7.89 29.33
C ALA A 535 -18.14 7.33 28.42
N TYR A 536 -19.37 7.75 28.69
CA TYR A 536 -20.56 7.35 27.94
C TYR A 536 -21.45 8.58 27.87
N PRO A 537 -21.44 9.32 26.74
CA PRO A 537 -21.96 10.69 26.73
C PRO A 537 -23.48 10.84 26.87
N GLY A 538 -24.19 9.83 26.40
CA GLY A 538 -25.65 9.79 26.33
C GLY A 538 -26.10 8.49 25.72
N ALA A 539 -27.40 8.25 25.75
CA ALA A 539 -27.98 7.05 25.12
C ALA A 539 -27.58 7.02 23.64
N GLY A 540 -26.93 5.93 23.20
CA GLY A 540 -26.35 5.84 21.85
C GLY A 540 -24.88 6.12 21.77
N GLY A 541 -24.20 6.13 22.91
CA GLY A 541 -22.76 6.40 22.97
C GLY A 541 -21.89 5.22 22.57
N THR A 542 -22.44 4.02 22.26
CA THR A 542 -21.64 2.92 21.65
C THR A 542 -22.04 2.76 20.17
N LEU A 543 -23.32 2.77 19.85
CA LEU A 543 -23.79 2.55 18.48
C LEU A 543 -23.54 3.79 17.59
N GLY A 544 -23.69 5.00 18.10
CA GLY A 544 -23.33 6.22 17.34
C GLY A 544 -21.92 6.08 16.79
N PRO A 545 -20.93 5.83 17.67
CA PRO A 545 -19.55 5.63 17.22
C PRO A 545 -19.38 4.46 16.26
N ALA A 546 -20.05 3.33 16.50
CA ALA A 546 -19.89 2.13 15.64
C ALA A 546 -20.30 2.51 14.22
N MET A 547 -21.48 3.07 14.08
CA MET A 547 -22.01 3.42 12.74
C MET A 547 -21.25 4.62 12.15
N THR A 548 -20.83 5.60 12.94
CA THR A 548 -20.21 6.84 12.39
C THR A 548 -18.81 6.47 11.85
N PHE A 549 -18.03 5.67 12.59
CA PHE A 549 -16.69 5.26 12.10
C PHE A 549 -16.85 4.22 10.99
N GLY A 550 -17.94 3.45 10.95
CA GLY A 550 -18.23 2.56 9.80
C GLY A 550 -18.39 3.38 8.53
N PHE A 551 -19.17 4.44 8.62
CA PHE A 551 -19.40 5.45 7.55
C PHE A 551 -18.06 6.05 7.12
N ARG A 552 -17.26 6.57 8.05
CA ARG A 552 -15.93 7.17 7.75
C ARG A 552 -14.98 6.12 7.14
N ALA A 553 -14.99 4.85 7.59
CA ALA A 553 -14.13 3.81 7.00
C ALA A 553 -14.46 3.67 5.52
N ALA A 554 -15.73 3.46 5.18
CA ALA A 554 -16.21 3.25 3.80
C ALA A 554 -15.81 4.49 2.98
N ASN A 555 -16.03 5.67 3.51
CA ASN A 555 -15.70 6.96 2.83
C ASN A 555 -14.20 6.99 2.53
N HIS A 556 -13.36 6.59 3.49
CA HIS A 556 -11.90 6.66 3.34
C HIS A 556 -11.45 5.68 2.25
N ILE A 557 -12.01 4.47 2.27
CA ILE A 557 -11.66 3.41 1.30
C ILE A 557 -12.01 3.91 -0.12
N ALA A 558 -13.22 4.41 -0.32
CA ALA A 558 -13.66 4.98 -1.63
C ALA A 558 -12.79 6.19 -2.06
N ALA A 559 -12.38 7.08 -1.15
CA ALA A 559 -11.67 8.32 -1.49
C ALA A 559 -10.23 7.99 -1.92
N SER A 560 -9.78 6.76 -1.66
CA SER A 560 -8.41 6.26 -1.92
C SER A 560 -8.21 5.90 -3.40
N LYS A 561 -9.27 5.70 -4.18
CA LYS A 561 -9.21 5.43 -5.66
C LYS A 561 -8.36 4.19 -5.92
N THR B 5 -6.52 -12.17 -20.01
CA THR B 5 -6.11 -11.88 -18.58
C THR B 5 -5.61 -10.43 -18.52
N ASN B 6 -6.13 -9.64 -17.57
CA ASN B 6 -5.70 -8.24 -17.34
C ASN B 6 -5.14 -8.09 -15.92
N THR B 7 -4.99 -9.18 -15.18
CA THR B 7 -4.36 -9.17 -13.83
C THR B 7 -3.16 -10.12 -13.81
N TYR B 8 -2.00 -9.62 -13.38
CA TYR B 8 -0.75 -10.39 -13.19
C TYR B 8 -0.17 -10.03 -11.82
N ASP B 9 0.70 -10.88 -11.27
CA ASP B 9 1.50 -10.52 -10.07
C ASP B 9 2.41 -9.34 -10.43
N VAL B 10 3.09 -9.44 -11.58
CA VAL B 10 4.15 -8.49 -12.00
C VAL B 10 3.89 -8.03 -13.44
N ILE B 11 3.84 -6.72 -13.66
CA ILE B 11 3.87 -6.19 -15.05
C ILE B 11 5.23 -5.50 -15.24
N VAL B 12 5.96 -5.90 -16.29
CA VAL B 12 7.25 -5.27 -16.70
C VAL B 12 7.01 -4.37 -17.91
N VAL B 13 7.36 -3.10 -17.80
CA VAL B 13 7.26 -2.10 -18.89
C VAL B 13 8.60 -1.98 -19.60
N GLY B 14 8.64 -2.35 -20.88
CA GLY B 14 9.83 -2.31 -21.74
C GLY B 14 10.33 -3.72 -21.96
N SER B 15 11.06 -4.01 -23.06
CA SER B 15 11.62 -5.36 -23.32
C SER B 15 13.14 -5.25 -23.59
N GLY B 16 13.83 -4.33 -22.92
CA GLY B 16 15.31 -4.33 -22.85
C GLY B 16 15.79 -5.56 -22.11
N ALA B 17 17.11 -5.71 -21.96
CA ALA B 17 17.68 -6.90 -21.28
C ALA B 17 17.27 -6.88 -19.79
N GLY B 18 17.31 -5.72 -19.15
CA GLY B 18 16.96 -5.60 -17.72
C GLY B 18 15.54 -6.08 -17.49
N ALA B 19 14.62 -5.62 -18.34
CA ALA B 19 13.18 -5.96 -18.27
C ALA B 19 12.99 -7.46 -18.45
N MET B 20 13.62 -8.07 -19.46
CA MET B 20 13.36 -9.50 -19.75
C MET B 20 14.00 -10.38 -18.68
N LEU B 21 15.16 -9.99 -18.14
CA LEU B 21 15.84 -10.74 -17.06
C LEU B 21 14.92 -10.69 -15.81
N ALA B 22 14.42 -9.50 -15.45
CA ALA B 22 13.51 -9.38 -14.28
C ALA B 22 12.29 -10.29 -14.50
N ALA B 23 11.78 -10.37 -15.74
CA ALA B 23 10.58 -11.16 -16.09
C ALA B 23 10.87 -12.64 -15.89
N ALA B 24 12.03 -13.11 -16.36
CA ALA B 24 12.40 -14.54 -16.22
C ALA B 24 12.56 -14.86 -14.75
N ARG B 25 13.22 -13.97 -14.02
CA ARG B 25 13.53 -14.23 -12.59
C ARG B 25 12.22 -14.26 -11.79
N ALA B 26 11.33 -13.28 -12.03
CA ALA B 26 10.04 -13.17 -11.30
C ALA B 26 9.26 -14.46 -11.54
N HIS B 27 9.23 -14.93 -12.79
CA HIS B 27 8.59 -16.22 -13.16
C HIS B 27 9.20 -17.34 -12.33
N ASP B 28 10.53 -17.45 -12.30
CA ASP B 28 11.21 -18.59 -11.66
C ASP B 28 11.00 -18.55 -10.15
N LEU B 29 10.57 -17.42 -9.58
CA LEU B 29 10.23 -17.28 -8.14
C LEU B 29 8.72 -17.49 -7.91
N GLY B 30 7.96 -17.84 -8.94
CA GLY B 30 6.57 -18.32 -8.81
C GLY B 30 5.56 -17.23 -9.08
N LEU B 31 5.98 -16.10 -9.65
CA LEU B 31 5.06 -14.98 -9.94
C LEU B 31 4.60 -15.06 -11.39
N SER B 32 3.33 -14.65 -11.61
CA SER B 32 2.75 -14.42 -12.95
C SER B 32 3.27 -13.08 -13.47
N VAL B 33 3.77 -13.08 -14.70
CA VAL B 33 4.43 -11.90 -15.34
C VAL B 33 3.78 -11.59 -16.67
N LEU B 34 3.61 -10.31 -16.96
CA LEU B 34 3.41 -9.79 -18.33
C LEU B 34 4.50 -8.78 -18.66
N VAL B 35 5.05 -8.84 -19.87
CA VAL B 35 5.95 -7.80 -20.43
C VAL B 35 5.20 -7.02 -21.52
N VAL B 36 5.19 -5.69 -21.46
CA VAL B 36 4.62 -4.84 -22.54
C VAL B 36 5.75 -4.02 -23.19
N GLU B 37 5.80 -4.04 -24.53
CA GLU B 37 6.78 -3.32 -25.40
C GLU B 37 6.03 -2.34 -26.32
N LYS B 38 6.45 -1.07 -26.30
CA LYS B 38 5.90 0.06 -27.08
C LYS B 38 6.02 -0.25 -28.57
N SER B 39 7.14 -0.77 -29.02
CA SER B 39 7.51 -0.87 -30.46
C SER B 39 7.12 -2.23 -31.03
N ASP B 40 7.39 -2.43 -32.31
CA ASP B 40 7.12 -3.67 -33.08
C ASP B 40 8.21 -4.71 -32.84
N LYS B 41 9.28 -4.36 -32.12
CA LYS B 41 10.42 -5.28 -31.88
C LYS B 41 10.70 -5.36 -30.37
N TYR B 42 11.18 -6.52 -29.89
CA TYR B 42 11.70 -6.66 -28.51
C TYR B 42 13.21 -6.40 -28.50
N GLY B 43 13.73 -5.96 -27.36
CA GLY B 43 15.18 -5.87 -27.15
C GLY B 43 15.67 -4.46 -26.92
N GLY B 44 15.01 -3.45 -27.50
CA GLY B 44 15.41 -2.04 -27.38
C GLY B 44 16.90 -1.80 -27.65
N THR B 45 17.50 -0.80 -27.01
CA THR B 45 18.93 -0.45 -27.20
C THR B 45 19.79 -1.67 -26.83
N SER B 46 19.35 -2.44 -25.85
CA SER B 46 20.06 -3.65 -25.37
C SER B 46 20.41 -4.54 -26.57
N ALA B 47 19.44 -4.73 -27.47
CA ALA B 47 19.56 -5.67 -28.62
C ALA B 47 20.67 -5.21 -29.59
N VAL B 48 20.87 -3.90 -29.74
CA VAL B 48 21.84 -3.32 -30.72
C VAL B 48 23.15 -2.95 -30.01
N SER B 49 23.37 -3.47 -28.80
CA SER B 49 24.52 -3.10 -27.94
C SER B 49 25.64 -4.13 -28.10
N GLY B 50 26.72 -4.00 -27.35
CA GLY B 50 27.78 -5.03 -27.23
C GLY B 50 27.37 -6.18 -26.35
N GLY B 51 26.29 -6.02 -25.57
CA GLY B 51 25.79 -7.11 -24.72
C GLY B 51 26.68 -7.37 -23.52
N ALA B 52 27.66 -6.50 -23.29
CA ALA B 52 28.66 -6.71 -22.20
C ALA B 52 28.02 -6.32 -20.87
N VAL B 53 28.39 -7.03 -19.82
CA VAL B 53 27.99 -6.69 -18.43
C VAL B 53 29.26 -6.63 -17.57
N TRP B 54 29.33 -5.66 -16.66
CA TRP B 54 30.55 -5.42 -15.85
C TRP B 54 30.33 -6.05 -14.50
N ILE B 55 30.93 -7.22 -14.27
CA ILE B 55 30.62 -8.10 -13.11
C ILE B 55 31.90 -8.30 -12.32
N PRO B 56 32.22 -7.41 -11.37
CA PRO B 56 33.44 -7.60 -10.57
C PRO B 56 33.38 -8.94 -9.84
N ASN B 57 34.53 -9.55 -9.67
CA ASN B 57 34.73 -10.78 -8.86
C ASN B 57 33.80 -11.89 -9.36
N ASN B 58 33.52 -11.93 -10.67
CA ASN B 58 32.68 -13.03 -11.24
C ASN B 58 33.44 -14.35 -11.10
N SER B 59 32.72 -15.47 -11.08
CA SER B 59 33.26 -16.83 -10.77
C SER B 59 34.24 -17.32 -11.86
N GLN B 60 34.27 -16.70 -13.04
CA GLN B 60 35.03 -17.19 -14.21
C GLN B 60 36.32 -16.38 -14.41
N MET B 61 36.64 -15.44 -13.51
CA MET B 61 37.87 -14.62 -13.70
C MET B 61 39.13 -15.48 -13.61
N GLN B 62 40.15 -15.19 -14.42
CA GLN B 62 41.45 -15.90 -14.41
C GLN B 62 42.46 -15.18 -13.51
N ILE B 63 42.13 -13.98 -13.03
CA ILE B 63 43.01 -13.20 -12.12
C ILE B 63 42.27 -13.03 -10.79
N LYS B 64 43.01 -12.67 -9.76
CA LYS B 64 42.44 -12.50 -8.42
C LYS B 64 41.64 -11.20 -8.36
N ASP B 65 40.49 -11.26 -7.68
CA ASP B 65 39.59 -10.10 -7.54
C ASP B 65 38.89 -10.28 -6.19
N SER B 66 38.15 -9.29 -5.75
CA SER B 66 37.45 -9.37 -4.44
C SER B 66 36.34 -8.33 -4.38
N PHE B 67 35.36 -8.63 -3.54
CA PHE B 67 34.27 -7.69 -3.25
C PHE B 67 34.87 -6.37 -2.77
N ASP B 68 35.81 -6.43 -1.83
CA ASP B 68 36.38 -5.20 -1.24
C ASP B 68 37.13 -4.36 -2.28
N GLU B 69 37.91 -4.97 -3.19
CA GLU B 69 38.58 -4.19 -4.26
C GLU B 69 37.54 -3.52 -5.17
N ALA B 70 36.46 -4.22 -5.52
CA ALA B 70 35.41 -3.70 -6.40
C ALA B 70 34.67 -2.56 -5.69
N LEU B 71 34.51 -2.67 -4.38
CA LEU B 71 33.85 -1.60 -3.59
C LEU B 71 34.76 -0.37 -3.58
N THR B 72 36.06 -0.56 -3.35
CA THR B 72 37.06 0.54 -3.36
C THR B 72 36.94 1.30 -4.68
N TYR B 73 36.96 0.57 -5.77
CA TYR B 73 36.86 1.12 -7.15
C TYR B 73 35.55 1.90 -7.34
N LEU B 74 34.41 1.31 -6.99
CA LEU B 74 33.09 1.97 -7.21
C LEU B 74 32.97 3.19 -6.29
N LYS B 75 33.48 3.12 -5.07
CA LYS B 75 33.40 4.30 -4.16
C LYS B 75 34.26 5.41 -4.77
N ALA B 76 35.46 5.10 -5.24
CA ALA B 76 36.34 6.07 -5.90
C ALA B 76 35.65 6.63 -7.14
N ALA B 77 34.98 5.81 -7.93
CA ALA B 77 34.43 6.27 -9.23
C ALA B 77 33.18 7.12 -9.02
N THR B 78 32.38 6.81 -8.01
CA THR B 78 31.03 7.42 -7.85
C THR B 78 31.03 8.67 -6.94
N GLN B 79 32.13 8.89 -6.21
N GLN B 79 32.11 8.90 -6.20
CA GLN B 79 32.49 10.13 -5.46
CA GLN B 79 32.43 10.20 -5.54
C GLN B 79 31.29 10.57 -4.61
C GLN B 79 31.31 10.60 -4.57
N GLY B 80 30.70 9.63 -3.88
CA GLY B 80 29.65 9.90 -2.88
C GLY B 80 28.31 10.28 -3.47
N LEU B 81 28.12 10.20 -4.79
CA LEU B 81 26.85 10.56 -5.46
C LEU B 81 25.80 9.47 -5.27
N VAL B 82 26.23 8.26 -4.93
CA VAL B 82 25.32 7.10 -4.85
C VAL B 82 25.37 6.52 -3.43
N ALA B 83 24.20 6.17 -2.91
CA ALA B 83 24.05 5.53 -1.57
C ALA B 83 24.94 4.27 -1.53
N GLU B 84 25.76 4.12 -0.50
CA GLU B 84 26.71 2.99 -0.47
C GLU B 84 25.94 1.66 -0.49
N ASP B 85 24.74 1.58 0.08
CA ASP B 85 24.02 0.29 0.11
C ASP B 85 23.65 -0.13 -1.32
N ARG B 86 23.47 0.81 -2.26
CA ARG B 86 23.24 0.43 -3.67
C ARG B 86 24.53 -0.13 -4.30
N LEU B 87 25.69 0.43 -3.97
CA LEU B 87 27.00 -0.12 -4.47
C LEU B 87 27.20 -1.51 -3.91
N LEU B 88 26.95 -1.71 -2.61
CA LEU B 88 27.12 -3.05 -1.98
C LEU B 88 26.17 -4.02 -2.65
N ALA B 89 24.92 -3.59 -2.89
CA ALA B 89 23.87 -4.45 -3.46
C ALA B 89 24.30 -4.85 -4.87
N TYR B 90 24.83 -3.93 -5.66
CA TYR B 90 25.31 -4.24 -7.04
C TYR B 90 26.38 -5.32 -6.99
N LEU B 91 27.38 -5.17 -6.13
CA LEU B 91 28.52 -6.09 -6.07
C LEU B 91 28.09 -7.45 -5.52
N GLU B 92 27.14 -7.46 -4.58
CA GLU B 92 26.57 -8.71 -4.03
C GLU B 92 25.83 -9.44 -5.13
N SER B 93 24.96 -8.76 -5.87
CA SER B 93 23.95 -9.40 -6.75
C SER B 93 24.47 -9.62 -8.17
N ALA B 94 25.39 -8.81 -8.69
CA ALA B 94 25.85 -8.90 -10.09
C ALA B 94 26.39 -10.31 -10.37
N PRO B 95 27.27 -10.91 -9.55
CA PRO B 95 27.73 -12.28 -9.81
C PRO B 95 26.60 -13.32 -9.68
N GLN B 96 25.67 -13.11 -8.75
CA GLN B 96 24.51 -14.01 -8.56
C GLN B 96 23.61 -13.96 -9.80
N MET B 97 23.41 -12.78 -10.37
CA MET B 97 22.57 -12.55 -11.58
C MET B 97 23.20 -13.30 -12.75
N VAL B 98 24.51 -13.20 -12.99
CA VAL B 98 25.09 -13.88 -14.18
C VAL B 98 25.12 -15.39 -13.93
N GLU B 99 25.39 -15.84 -12.71
CA GLU B 99 25.35 -17.28 -12.38
C GLU B 99 23.92 -17.80 -12.63
N TYR B 100 22.90 -17.00 -12.32
CA TYR B 100 21.46 -17.34 -12.54
C TYR B 100 21.20 -17.52 -14.04
N ILE B 101 21.64 -16.57 -14.86
CA ILE B 101 21.54 -16.68 -16.33
C ILE B 101 22.18 -18.00 -16.77
N ASN B 102 23.44 -18.23 -16.38
CA ASN B 102 24.26 -19.34 -16.90
C ASN B 102 23.63 -20.68 -16.51
N ALA B 103 23.04 -20.80 -15.33
CA ALA B 103 22.50 -22.08 -14.82
C ALA B 103 21.09 -22.34 -15.37
N ASN B 104 20.35 -21.32 -15.83
CA ASN B 104 18.89 -21.46 -16.07
C ASN B 104 18.48 -21.05 -17.49
N MET B 105 19.45 -20.81 -18.38
CA MET B 105 19.19 -20.29 -19.74
C MET B 105 20.22 -20.86 -20.73
N THR B 106 19.87 -20.86 -22.02
CA THR B 106 20.75 -21.29 -23.13
C THR B 106 21.83 -20.20 -23.33
N LEU B 107 21.43 -18.94 -23.18
CA LEU B 107 22.34 -17.77 -23.10
C LEU B 107 23.43 -18.07 -22.07
N GLN B 108 24.70 -17.85 -22.44
CA GLN B 108 25.89 -18.07 -21.58
C GLN B 108 26.81 -16.84 -21.66
N TYR B 109 27.26 -16.37 -20.48
CA TYR B 109 28.22 -15.25 -20.31
C TYR B 109 29.57 -15.83 -19.89
N PHE B 110 30.63 -15.25 -20.41
CA PHE B 110 32.03 -15.57 -20.06
C PHE B 110 32.82 -14.25 -20.01
N PRO B 111 33.98 -14.22 -19.33
CA PRO B 111 34.72 -12.98 -19.16
C PRO B 111 35.48 -12.55 -20.42
N CYS B 112 35.58 -11.23 -20.62
CA CYS B 112 36.54 -10.63 -21.56
C CYS B 112 37.85 -10.46 -20.80
N HIS B 113 38.69 -11.49 -20.81
CA HIS B 113 39.89 -11.63 -19.94
C HIS B 113 40.86 -10.46 -20.10
N ARG B 114 40.89 -9.83 -21.25
CA ARG B 114 41.93 -8.81 -21.59
C ARG B 114 41.33 -7.40 -21.59
N TYR B 115 40.02 -7.26 -21.34
CA TYR B 115 39.33 -5.96 -21.47
C TYR B 115 39.50 -5.18 -20.16
N PRO B 116 40.37 -4.16 -20.09
CA PRO B 116 40.65 -3.49 -18.82
C PRO B 116 39.48 -2.62 -18.35
N ASP B 117 39.36 -2.48 -17.03
CA ASP B 117 38.49 -1.45 -16.41
C ASP B 117 38.85 -0.07 -16.97
N TYR B 118 37.89 0.84 -17.02
CA TYR B 118 38.07 2.13 -17.73
C TYR B 118 38.93 3.12 -16.94
N TYR B 119 39.08 2.98 -15.63
CA TYR B 119 39.79 3.99 -14.80
C TYR B 119 40.98 3.32 -14.11
N GLN B 120 42.07 3.11 -14.85
CA GLN B 120 43.23 2.34 -14.35
C GLN B 120 43.93 3.08 -13.22
N HIS B 121 43.76 4.38 -13.13
CA HIS B 121 44.39 5.22 -12.08
C HIS B 121 43.63 5.13 -10.74
N LEU B 122 42.43 4.54 -10.70
CA LEU B 122 41.64 4.47 -9.44
C LEU B 122 42.04 3.22 -8.67
N PRO B 123 42.00 3.26 -7.33
CA PRO B 123 42.35 2.10 -6.54
C PRO B 123 41.27 1.02 -6.77
N GLY B 124 41.69 -0.26 -6.82
CA GLY B 124 40.76 -1.39 -7.00
C GLY B 124 40.40 -1.70 -8.45
N ALA B 125 41.01 -1.00 -9.40
CA ALA B 125 40.87 -1.26 -10.85
C ALA B 125 41.48 -2.62 -11.18
N LYS B 126 40.93 -3.30 -12.20
CA LYS B 126 41.51 -4.56 -12.70
C LYS B 126 41.91 -4.38 -14.16
N PRO B 127 42.97 -5.10 -14.59
CA PRO B 127 43.41 -5.08 -16.00
C PRO B 127 42.59 -5.92 -17.01
N GLY B 128 41.59 -6.65 -16.53
CA GLY B 128 40.71 -7.47 -17.38
C GLY B 128 39.77 -8.30 -16.54
N GLY B 129 38.82 -8.96 -17.18
CA GLY B 129 38.07 -10.07 -16.59
C GLY B 129 36.79 -9.70 -15.90
N ARG B 130 36.57 -8.44 -15.50
CA ARG B 130 35.28 -8.05 -14.85
C ARG B 130 34.19 -7.97 -15.91
N THR B 131 34.50 -7.35 -17.03
CA THR B 131 33.61 -7.29 -18.21
C THR B 131 33.39 -8.73 -18.70
N MET B 132 32.13 -9.07 -18.98
CA MET B 132 31.69 -10.39 -19.48
C MET B 132 30.80 -10.17 -20.70
N GLU B 133 30.77 -11.16 -21.58
CA GLU B 133 29.97 -11.06 -22.83
C GLU B 133 29.33 -12.41 -23.15
N PRO B 134 28.29 -12.38 -24.00
CA PRO B 134 27.61 -13.61 -24.41
C PRO B 134 28.39 -14.46 -25.41
N MET B 135 28.29 -15.77 -25.27
CA MET B 135 28.60 -16.74 -26.36
C MET B 135 27.59 -16.51 -27.48
N LEU B 136 27.99 -16.76 -28.73
CA LEU B 136 27.07 -16.70 -29.89
C LEU B 136 25.81 -17.51 -29.55
N PHE B 137 24.65 -16.94 -29.86
CA PHE B 137 23.33 -17.57 -29.60
C PHE B 137 22.67 -17.98 -30.92
N ASP B 138 22.00 -19.12 -30.90
CA ASP B 138 21.27 -19.76 -32.04
C ASP B 138 19.85 -19.17 -32.17
N ALA B 139 19.67 -18.20 -33.06
CA ALA B 139 18.38 -17.55 -33.39
C ALA B 139 17.32 -18.57 -33.84
N ALA B 140 17.72 -19.71 -34.40
CA ALA B 140 16.78 -20.79 -34.81
C ALA B 140 15.91 -21.16 -33.61
N LEU B 141 16.45 -21.10 -32.39
CA LEU B 141 15.71 -21.51 -31.17
C LEU B 141 14.51 -20.56 -30.95
N LEU B 142 14.48 -19.39 -31.57
CA LEU B 142 13.35 -18.44 -31.43
C LEU B 142 12.18 -18.79 -32.34
N GLY B 143 12.36 -19.66 -33.35
CA GLY B 143 11.38 -19.90 -34.42
C GLY B 143 10.86 -18.59 -34.98
N ASP B 144 9.54 -18.42 -35.04
CA ASP B 144 8.87 -17.27 -35.71
C ASP B 144 9.18 -15.96 -34.95
N GLU B 145 9.55 -16.04 -33.68
CA GLU B 145 9.84 -14.83 -32.85
C GLU B 145 11.17 -14.19 -33.28
N PHE B 146 12.02 -14.88 -34.04
CA PHE B 146 13.22 -14.25 -34.66
C PHE B 146 12.79 -13.02 -35.47
N ALA B 147 11.60 -13.05 -36.08
CA ALA B 147 11.10 -11.95 -36.96
C ALA B 147 10.94 -10.67 -36.14
N ASN B 148 10.76 -10.77 -34.81
CA ASN B 148 10.44 -9.62 -33.93
C ASN B 148 11.65 -9.17 -33.10
N LEU B 149 12.81 -9.78 -33.28
CA LEU B 149 14.09 -9.32 -32.66
C LEU B 149 14.50 -7.99 -33.29
N ARG B 150 14.80 -6.99 -32.47
CA ARG B 150 15.46 -5.76 -32.98
C ARG B 150 16.86 -6.18 -33.46
N MET B 151 17.18 -5.99 -34.74
CA MET B 151 18.36 -6.66 -35.36
C MET B 151 19.60 -5.80 -35.15
N ALA B 152 20.74 -6.48 -35.01
CA ALA B 152 22.07 -5.84 -34.84
C ALA B 152 22.30 -4.85 -35.97
N TYR B 153 22.82 -3.66 -35.65
CA TYR B 153 23.40 -2.68 -36.61
C TYR B 153 24.48 -3.39 -37.44
N THR B 154 24.46 -3.19 -38.76
CA THR B 154 25.25 -3.98 -39.76
C THR B 154 26.76 -3.89 -39.45
N GLY B 155 27.17 -2.75 -38.88
CA GLY B 155 28.54 -2.46 -38.46
C GLY B 155 29.09 -3.42 -37.41
N THR B 156 28.24 -4.08 -36.62
CA THR B 156 28.67 -5.03 -35.56
C THR B 156 28.92 -6.41 -36.17
N LEU B 157 28.71 -6.57 -37.49
CA LEU B 157 28.85 -7.88 -38.20
C LEU B 157 30.05 -7.84 -39.15
N LEU B 158 30.65 -9.00 -39.39
CA LEU B 158 31.83 -9.16 -40.29
C LEU B 158 31.37 -9.08 -41.74
N MET B 159 31.93 -8.12 -42.50
CA MET B 159 31.51 -7.78 -43.89
C MET B 159 29.99 -7.59 -43.90
N GLY B 160 29.45 -7.01 -42.82
CA GLY B 160 28.01 -6.78 -42.59
C GLY B 160 27.18 -8.06 -42.65
N LYS B 161 27.77 -9.23 -42.37
CA LYS B 161 27.08 -10.54 -42.50
C LYS B 161 27.22 -11.35 -41.21
N ALA B 162 28.45 -11.62 -40.79
CA ALA B 162 28.78 -12.71 -39.83
C ALA B 162 28.88 -12.15 -38.41
N SER B 163 28.14 -12.75 -37.49
CA SER B 163 28.12 -12.37 -36.06
C SER B 163 29.46 -12.76 -35.45
N MET B 164 30.04 -11.88 -34.62
CA MET B 164 31.24 -12.21 -33.80
C MET B 164 31.03 -11.74 -32.35
N THR B 165 31.75 -12.37 -31.42
CA THR B 165 31.96 -11.89 -30.05
C THR B 165 32.94 -10.72 -30.07
N ALA B 166 32.92 -9.90 -29.03
CA ALA B 166 33.87 -8.79 -28.83
C ALA B 166 35.28 -9.39 -28.75
N THR B 167 35.41 -10.55 -28.12
CA THR B 167 36.70 -11.26 -27.98
C THR B 167 37.22 -11.59 -29.40
N GLU B 168 36.44 -12.36 -30.17
CA GLU B 168 36.75 -12.77 -31.56
C GLU B 168 37.06 -11.52 -32.39
N ALA B 169 36.23 -10.49 -32.28
CA ALA B 169 36.41 -9.21 -32.99
C ALA B 169 37.78 -8.64 -32.64
N HIS B 170 37.96 -8.18 -31.39
CA HIS B 170 39.01 -7.22 -30.92
C HIS B 170 40.35 -7.49 -31.62
N VAL B 171 40.70 -8.77 -31.81
CA VAL B 171 41.92 -9.24 -32.53
C VAL B 171 42.05 -8.54 -33.90
N MET B 172 40.94 -8.39 -34.62
N MET B 172 40.95 -8.45 -34.65
CA MET B 172 40.87 -7.82 -35.99
CA MET B 172 40.90 -7.81 -35.99
C MET B 172 41.05 -6.30 -35.94
C MET B 172 41.15 -6.30 -35.86
N LEU B 173 40.41 -5.60 -34.99
CA LEU B 173 40.47 -4.10 -34.85
C LEU B 173 41.88 -3.69 -34.40
N ALA B 174 42.47 -4.46 -33.48
CA ALA B 174 43.83 -4.21 -32.93
C ALA B 174 44.88 -4.73 -33.92
N LYS B 175 44.47 -5.55 -34.89
CA LYS B 175 45.35 -6.21 -35.90
C LYS B 175 46.41 -7.05 -35.16
N GLU B 176 45.98 -7.90 -34.23
CA GLU B 176 46.86 -8.84 -33.50
C GLU B 176 47.06 -10.07 -34.40
N PRO B 177 48.02 -10.96 -34.09
CA PRO B 177 48.24 -12.19 -34.85
C PRO B 177 47.04 -13.13 -34.86
N GLY B 178 46.77 -13.80 -36.00
CA GLY B 178 45.77 -14.88 -36.10
C GLY B 178 44.43 -14.38 -36.64
N TRP B 179 44.24 -13.06 -36.69
CA TRP B 179 43.01 -12.39 -37.17
C TRP B 179 42.56 -13.00 -38.50
N MET B 180 43.52 -13.46 -39.30
CA MET B 180 43.31 -14.13 -40.62
C MET B 180 42.41 -15.35 -40.44
N LEU B 181 42.88 -16.35 -39.67
CA LEU B 181 42.11 -17.59 -39.41
C LEU B 181 40.72 -17.22 -38.85
N GLN B 182 40.62 -16.13 -38.07
CA GLN B 182 39.36 -15.72 -37.40
C GLN B 182 38.36 -15.31 -38.47
N VAL B 183 38.72 -14.33 -39.31
CA VAL B 183 37.91 -13.89 -40.49
C VAL B 183 37.43 -15.13 -41.26
N ILE B 184 38.35 -16.06 -41.55
CA ILE B 184 38.08 -17.30 -42.32
C ILE B 184 37.12 -18.19 -41.51
N LYS B 185 37.35 -18.34 -40.21
CA LYS B 185 36.50 -19.20 -39.34
C LYS B 185 35.08 -18.62 -39.35
N SER B 186 34.97 -17.28 -39.24
CA SER B 186 33.70 -16.53 -39.05
C SER B 186 32.86 -16.63 -40.32
N LEU B 187 33.40 -16.15 -41.44
CA LEU B 187 32.70 -16.14 -42.75
C LEU B 187 32.52 -17.59 -43.22
N GLY B 188 33.51 -18.44 -42.94
CA GLY B 188 33.40 -19.90 -43.10
C GLY B 188 32.10 -20.44 -42.52
N ARG B 189 31.94 -20.32 -41.20
CA ARG B 189 30.76 -20.85 -40.46
C ARG B 189 29.46 -20.37 -41.12
N TYR B 190 29.41 -19.09 -41.51
CA TYR B 190 28.25 -18.37 -42.11
C TYR B 190 27.81 -19.06 -43.42
N TYR B 191 28.74 -19.22 -44.36
CA TYR B 191 28.47 -19.77 -45.72
C TYR B 191 28.15 -21.27 -45.61
N LEU B 192 28.76 -22.00 -44.69
CA LEU B 192 28.56 -23.47 -44.54
C LEU B 192 27.30 -23.77 -43.69
N ASP B 193 26.51 -22.75 -43.35
CA ASP B 193 25.30 -22.88 -42.48
C ASP B 193 24.10 -23.24 -43.37
N LEU B 194 24.15 -24.45 -43.94
CA LEU B 194 23.43 -24.86 -45.18
C LEU B 194 21.92 -24.71 -45.02
N PRO B 195 21.26 -25.57 -44.21
CA PRO B 195 19.79 -25.59 -44.19
C PRO B 195 19.25 -24.15 -44.06
N TRP B 196 19.95 -23.33 -43.24
CA TRP B 196 19.55 -21.96 -42.84
C TRP B 196 19.83 -20.92 -43.93
N ARG B 197 21.00 -20.98 -44.58
CA ARG B 197 21.39 -20.00 -45.64
C ARG B 197 20.25 -19.83 -46.66
N LEU B 198 19.37 -20.84 -46.78
CA LEU B 198 18.31 -20.88 -47.83
C LEU B 198 17.02 -20.19 -47.38
N LYS B 199 16.84 -19.89 -46.08
CA LYS B 199 15.62 -19.18 -45.61
C LYS B 199 15.96 -17.77 -45.12
N SER B 200 17.24 -17.44 -44.89
CA SER B 200 17.65 -16.12 -44.32
C SER B 200 19.05 -15.69 -44.77
N ARG B 201 19.19 -14.39 -45.05
CA ARG B 201 20.46 -13.65 -45.31
C ARG B 201 21.13 -13.25 -43.98
N HIS B 202 20.39 -13.29 -42.86
CA HIS B 202 20.88 -13.01 -41.49
C HIS B 202 21.67 -14.21 -40.97
N ASP B 203 22.81 -13.96 -40.30
CA ASP B 203 23.52 -15.03 -39.58
C ASP B 203 22.54 -15.59 -38.54
N ARG B 204 22.37 -16.90 -38.53
CA ARG B 204 21.58 -17.66 -37.54
C ARG B 204 22.19 -17.51 -36.14
N LYS B 205 23.52 -17.45 -36.08
CA LYS B 205 24.28 -17.15 -34.85
C LYS B 205 24.23 -15.64 -34.63
N ARG B 206 23.80 -15.24 -33.43
CA ARG B 206 23.81 -13.82 -33.00
C ARG B 206 24.93 -13.62 -31.96
N GLY B 207 25.51 -12.43 -31.95
CA GLY B 207 26.56 -12.02 -31.01
C GLY B 207 26.17 -10.76 -30.25
N LEU B 208 26.97 -10.41 -29.24
CA LEU B 208 26.88 -9.09 -28.59
C LEU B 208 25.47 -8.90 -28.03
N GLY B 209 24.92 -7.69 -28.09
CA GLY B 209 23.59 -7.42 -27.52
C GLY B 209 22.51 -8.23 -28.22
N ASN B 210 22.75 -8.63 -29.48
CA ASN B 210 21.74 -9.42 -30.23
C ASN B 210 21.68 -10.82 -29.63
N ALA B 211 22.82 -11.40 -29.22
CA ALA B 211 22.83 -12.69 -28.51
C ALA B 211 22.10 -12.54 -27.18
N MET B 212 22.36 -11.45 -26.47
N MET B 212 22.40 -11.46 -26.46
CA MET B 212 21.75 -11.19 -25.15
CA MET B 212 21.78 -11.10 -25.15
C MET B 212 20.23 -11.11 -25.28
C MET B 212 20.24 -11.10 -25.30
N ALA B 213 19.72 -10.29 -26.20
CA ALA B 213 18.27 -10.07 -26.41
C ALA B 213 17.61 -11.36 -26.92
N ALA B 214 18.23 -12.06 -27.87
CA ALA B 214 17.72 -13.36 -28.38
C ALA B 214 17.63 -14.36 -27.22
N GLY B 215 18.72 -14.50 -26.46
CA GLY B 215 18.82 -15.45 -25.34
C GLY B 215 17.77 -15.17 -24.28
N LEU B 216 17.54 -13.91 -23.93
CA LEU B 216 16.55 -13.55 -22.87
C LEU B 216 15.14 -13.76 -23.44
N ARG B 217 14.93 -13.47 -24.74
CA ARG B 217 13.62 -13.73 -25.39
C ARG B 217 13.32 -15.21 -25.28
N HIS B 218 14.31 -16.03 -25.56
CA HIS B 218 14.21 -17.50 -25.56
C HIS B 218 13.82 -17.98 -24.16
N ALA B 219 14.47 -17.46 -23.13
CA ALA B 219 14.15 -17.76 -21.71
C ALA B 219 12.66 -17.49 -21.42
N LEU B 220 12.10 -16.40 -21.94
CA LEU B 220 10.69 -16.05 -21.69
C LEU B 220 9.80 -17.06 -22.46
N LEU B 221 10.23 -17.48 -23.65
CA LEU B 221 9.47 -18.45 -24.49
C LEU B 221 9.37 -19.77 -23.73
N GLU B 222 10.49 -20.31 -23.25
CA GLU B 222 10.54 -21.57 -22.47
C GLU B 222 9.63 -21.49 -21.24
N ARG B 223 9.47 -20.32 -20.62
CA ARG B 223 8.66 -20.15 -19.40
C ARG B 223 7.22 -19.73 -19.77
N LYS B 224 6.96 -19.48 -21.05
CA LYS B 224 5.64 -19.02 -21.56
C LYS B 224 5.25 -17.69 -20.91
N VAL B 225 6.19 -16.79 -20.71
CA VAL B 225 5.87 -15.43 -20.22
C VAL B 225 5.40 -14.60 -21.41
N PRO B 226 4.17 -14.04 -21.38
CA PRO B 226 3.69 -13.23 -22.49
C PRO B 226 4.45 -11.91 -22.63
N LEU B 227 4.69 -11.53 -23.88
CA LEU B 227 5.33 -10.26 -24.26
C LEU B 227 4.45 -9.59 -25.30
N TRP B 228 3.81 -8.47 -24.96
CA TRP B 228 2.88 -7.78 -25.89
C TRP B 228 3.64 -6.67 -26.61
N LEU B 229 3.85 -6.84 -27.91
CA LEU B 229 4.47 -5.81 -28.79
C LEU B 229 3.42 -4.77 -29.16
N ASN B 230 3.87 -3.60 -29.57
CA ASN B 230 2.98 -2.53 -30.09
C ASN B 230 2.01 -2.12 -28.97
N THR B 231 2.46 -2.22 -27.71
CA THR B 231 1.60 -2.02 -26.52
C THR B 231 2.29 -1.05 -25.59
N PRO B 232 2.28 0.26 -25.90
CA PRO B 232 2.92 1.26 -25.06
C PRO B 232 2.19 1.49 -23.73
N PHE B 233 2.98 1.50 -22.66
CA PHE B 233 2.60 2.13 -21.37
C PHE B 233 2.22 3.58 -21.64
N GLU B 234 1.15 4.06 -20.99
CA GLU B 234 0.73 5.48 -20.96
C GLU B 234 0.74 6.07 -19.56
N SER B 235 0.32 5.32 -18.53
CA SER B 235 0.16 5.90 -17.18
C SER B 235 0.17 4.81 -16.11
N LEU B 236 0.39 5.23 -14.87
CA LEU B 236 0.32 4.35 -13.68
C LEU B 236 -1.12 4.38 -13.14
N ILE B 237 -1.62 3.25 -12.65
CA ILE B 237 -2.83 3.18 -11.78
C ILE B 237 -2.40 3.22 -10.32
N THR B 238 -2.94 4.16 -9.52
CA THR B 238 -2.57 4.32 -8.10
C THR B 238 -3.80 4.28 -7.19
N GLU B 239 -3.56 4.00 -5.91
CA GLU B 239 -4.54 4.05 -4.79
C GLU B 239 -3.87 4.68 -3.56
N GLY B 240 -4.67 5.19 -2.61
CA GLY B 240 -4.25 5.84 -1.35
C GLY B 240 -4.53 7.33 -1.42
N ALA B 241 -4.77 7.98 -0.30
CA ALA B 241 -4.97 9.43 -0.41
C ALA B 241 -3.68 10.15 -0.03
N GLU B 242 -2.93 9.61 0.93
CA GLU B 242 -1.78 10.35 1.50
C GLU B 242 -0.46 9.83 0.92
N ASN B 243 -0.35 8.52 0.81
CA ASN B 243 0.80 7.86 0.14
C ASN B 243 0.24 6.97 -0.97
N LYS B 244 0.54 7.31 -2.22
CA LYS B 244 0.11 6.54 -3.40
C LYS B 244 0.91 5.22 -3.45
N ARG B 245 0.18 4.14 -3.72
N ARG B 245 0.16 4.16 -3.79
CA ARG B 245 0.71 2.81 -4.09
CA ARG B 245 0.61 2.76 -4.07
C ARG B 245 0.33 2.60 -5.56
C ARG B 245 0.23 2.42 -5.51
N VAL B 246 1.18 1.89 -6.30
CA VAL B 246 0.94 1.58 -7.73
C VAL B 246 0.32 0.19 -7.78
N THR B 247 -0.82 0.04 -8.46
CA THR B 247 -1.60 -1.22 -8.54
C THR B 247 -1.66 -1.73 -9.98
N GLY B 248 -1.18 -0.95 -10.94
CA GLY B 248 -1.06 -1.41 -12.33
C GLY B 248 -0.75 -0.27 -13.28
N ILE B 249 -1.02 -0.47 -14.57
CA ILE B 249 -0.72 0.52 -15.63
C ILE B 249 -1.90 0.60 -16.61
N VAL B 250 -1.99 1.74 -17.30
CA VAL B 250 -2.83 1.89 -18.53
C VAL B 250 -1.92 1.78 -19.75
N VAL B 251 -2.28 0.92 -20.71
CA VAL B 251 -1.61 0.81 -22.03
C VAL B 251 -2.61 1.15 -23.14
N LYS B 252 -2.09 1.37 -24.35
CA LYS B 252 -2.85 1.32 -25.63
C LYS B 252 -2.52 -0.01 -26.31
N ARG B 253 -3.51 -0.91 -26.41
CA ARG B 253 -3.37 -2.28 -26.95
C ARG B 253 -4.42 -2.49 -28.05
N ASN B 254 -3.98 -2.77 -29.27
CA ASN B 254 -4.87 -2.86 -30.46
C ASN B 254 -5.76 -1.62 -30.55
N GLY B 255 -5.27 -0.45 -30.13
CA GLY B 255 -5.99 0.84 -30.24
C GLY B 255 -6.86 1.16 -29.02
N GLN B 256 -7.24 0.16 -28.23
CA GLN B 256 -8.10 0.34 -27.02
C GLN B 256 -7.21 0.73 -25.83
N THR B 257 -7.58 1.80 -25.13
CA THR B 257 -7.10 2.11 -23.76
C THR B 257 -7.41 0.90 -22.88
N LEU B 258 -6.44 0.33 -22.17
CA LEU B 258 -6.63 -0.94 -21.43
C LEU B 258 -5.96 -0.86 -20.06
N GLN B 259 -6.74 -1.15 -19.01
CA GLN B 259 -6.30 -1.06 -17.60
C GLN B 259 -5.78 -2.44 -17.19
N LEU B 260 -4.53 -2.51 -16.72
CA LEU B 260 -3.90 -3.80 -16.34
C LEU B 260 -3.57 -3.73 -14.84
N THR B 261 -3.86 -4.79 -14.10
CA THR B 261 -3.64 -4.83 -12.63
C THR B 261 -2.37 -5.64 -12.38
N ALA B 262 -1.50 -5.12 -11.52
CA ALA B 262 -0.32 -5.81 -10.97
C ALA B 262 -0.58 -6.01 -9.48
N ARG B 263 -0.79 -7.25 -9.06
CA ARG B 263 -1.05 -7.57 -7.63
C ARG B 263 0.14 -7.20 -6.75
N ARG B 264 1.37 -7.42 -7.25
CA ARG B 264 2.60 -7.43 -6.43
C ARG B 264 3.56 -6.30 -6.85
N GLY B 265 3.68 -5.98 -8.14
CA GLY B 265 4.60 -4.89 -8.51
C GLY B 265 4.64 -4.58 -10.00
N VAL B 266 4.95 -3.33 -10.30
CA VAL B 266 5.23 -2.82 -11.66
C VAL B 266 6.73 -2.51 -11.72
N VAL B 267 7.42 -3.07 -12.73
CA VAL B 267 8.87 -2.82 -12.98
C VAL B 267 9.01 -1.94 -14.20
N LEU B 268 9.46 -0.70 -14.01
CA LEU B 268 9.70 0.24 -15.12
C LEU B 268 11.10 -0.05 -15.66
N GLY B 269 11.16 -0.69 -16.84
CA GLY B 269 12.41 -0.94 -17.60
C GLY B 269 12.30 -0.44 -19.02
N ALA B 270 11.89 0.81 -19.21
CA ALA B 270 11.45 1.36 -20.51
C ALA B 270 12.54 2.23 -21.13
N GLY B 271 13.75 2.18 -20.57
CA GLY B 271 14.88 3.03 -21.00
C GLY B 271 14.71 4.47 -20.64
N GLY B 272 15.50 5.33 -21.29
CA GLY B 272 15.62 6.75 -20.92
C GLY B 272 14.72 7.68 -21.72
N PHE B 273 15.19 8.90 -21.93
CA PHE B 273 14.42 9.96 -22.63
C PHE B 273 15.24 10.56 -23.79
N GLU B 274 16.29 9.86 -24.26
CA GLU B 274 17.25 10.39 -25.29
C GLU B 274 16.51 10.79 -26.57
N ARG B 275 15.39 10.14 -26.90
CA ARG B 275 14.60 10.41 -28.14
C ARG B 275 13.48 11.44 -27.90
N ASN B 276 13.44 12.12 -26.75
CA ASN B 276 12.41 13.15 -26.45
C ASN B 276 13.10 14.51 -26.41
N GLN B 277 12.99 15.27 -27.51
CA GLN B 277 13.74 16.53 -27.67
C GLN B 277 13.32 17.52 -26.57
N GLN B 278 12.05 17.58 -26.19
CA GLN B 278 11.59 18.55 -25.15
C GLN B 278 12.29 18.20 -23.83
N MET B 279 12.33 16.91 -23.48
CA MET B 279 12.99 16.46 -22.22
C MET B 279 14.50 16.72 -22.28
N ARG B 280 15.13 16.50 -23.44
CA ARG B 280 16.57 16.84 -23.60
C ARG B 280 16.75 18.31 -23.33
N GLU B 281 15.92 19.18 -23.92
CA GLU B 281 16.10 20.64 -23.72
C GLU B 281 15.80 21.01 -22.27
N GLN B 282 14.87 20.32 -21.62
CA GLN B 282 14.58 20.59 -20.19
C GLN B 282 15.82 20.24 -19.31
N TYR B 283 16.52 19.14 -19.58
CA TYR B 283 17.44 18.51 -18.59
C TYR B 283 18.92 18.54 -19.02
N LEU B 284 19.20 18.30 -20.29
CA LEU B 284 20.59 18.05 -20.81
C LEU B 284 21.30 19.34 -21.20
N PRO B 285 22.65 19.35 -21.19
CA PRO B 285 23.38 20.55 -21.60
C PRO B 285 23.08 20.88 -23.06
N LYS B 286 23.00 22.18 -23.35
CA LYS B 286 22.81 22.73 -24.72
C LYS B 286 24.19 22.96 -25.34
N PRO B 287 24.35 22.80 -26.66
CA PRO B 287 23.27 22.35 -27.54
C PRO B 287 22.99 20.86 -27.41
N THR B 288 21.75 20.45 -27.62
CA THR B 288 21.34 19.04 -27.49
C THR B 288 20.42 18.70 -28.66
N ASN B 289 20.54 17.49 -29.18
CA ASN B 289 19.74 17.04 -30.32
C ASN B 289 19.57 15.52 -30.25
N ALA B 290 18.33 15.07 -30.24
CA ALA B 290 17.95 13.64 -30.25
C ALA B 290 18.55 12.97 -31.47
N ALA B 291 18.65 13.68 -32.61
CA ALA B 291 19.14 13.13 -33.90
C ALA B 291 20.56 12.57 -33.70
N TRP B 292 21.33 13.10 -32.76
CA TRP B 292 22.73 12.68 -32.53
C TRP B 292 22.82 11.35 -31.78
N SER B 293 21.70 10.84 -31.25
CA SER B 293 21.70 9.59 -30.46
C SER B 293 22.00 8.40 -31.38
N ALA B 294 22.63 7.36 -30.82
CA ALA B 294 22.94 6.06 -31.45
C ALA B 294 21.88 5.03 -31.12
N THR B 295 20.84 5.41 -30.36
CA THR B 295 19.79 4.47 -29.88
C THR B 295 18.73 4.23 -30.95
N PRO B 296 17.91 3.17 -30.78
CA PRO B 296 16.64 3.05 -31.51
C PRO B 296 15.70 4.21 -31.24
N PRO B 297 14.52 4.26 -31.93
CA PRO B 297 13.68 5.46 -31.88
C PRO B 297 12.88 5.75 -30.59
N HIS B 298 12.61 4.71 -29.81
CA HIS B 298 11.52 4.66 -28.79
C HIS B 298 11.71 5.18 -27.35
N ASN B 299 12.91 5.46 -26.87
CA ASN B 299 13.02 5.92 -25.46
C ASN B 299 12.66 7.41 -25.34
N THR B 300 11.40 7.69 -24.99
CA THR B 300 10.90 9.08 -24.93
C THR B 300 10.47 9.45 -23.49
N GLY B 301 10.96 8.75 -22.45
CA GLY B 301 10.78 9.25 -21.08
C GLY B 301 9.34 9.11 -20.58
N ASP B 302 8.57 8.19 -21.19
CA ASP B 302 7.11 8.02 -20.96
C ASP B 302 6.88 7.63 -19.48
N THR B 303 7.68 6.72 -18.92
CA THR B 303 7.51 6.24 -17.52
C THR B 303 8.12 7.24 -16.55
N ILE B 304 9.15 7.97 -16.95
CA ILE B 304 9.80 9.00 -16.07
C ILE B 304 8.76 10.09 -15.76
N ARG B 305 8.09 10.60 -16.79
CA ARG B 305 7.10 11.69 -16.60
C ARG B 305 5.97 11.19 -15.69
N ALA B 306 5.45 10.00 -15.96
CA ALA B 306 4.30 9.39 -15.27
C ALA B 306 4.62 9.18 -13.79
N ALA B 307 5.85 8.72 -13.47
CA ALA B 307 6.27 8.44 -12.09
C ALA B 307 6.50 9.76 -11.36
N MET B 308 7.13 10.74 -12.01
CA MET B 308 7.38 12.06 -11.34
C MET B 308 6.03 12.75 -11.07
N ASP B 309 5.04 12.49 -11.91
CA ASP B 309 3.65 13.02 -11.73
C ASP B 309 3.10 12.55 -10.38
N ILE B 310 3.44 11.34 -9.90
CA ILE B 310 2.93 10.83 -8.59
C ILE B 310 3.96 11.01 -7.47
N GLY B 311 5.00 11.83 -7.64
CA GLY B 311 5.94 12.22 -6.58
C GLY B 311 7.29 11.50 -6.61
N ALA B 312 7.56 10.63 -7.57
CA ALA B 312 8.88 9.94 -7.69
C ALA B 312 9.98 10.99 -7.84
N ARG B 313 11.10 10.79 -7.16
CA ARG B 313 12.25 11.71 -7.26
C ARG B 313 13.11 11.30 -8.46
N ALA B 314 13.77 12.28 -9.10
CA ALA B 314 14.71 12.02 -10.21
C ALA B 314 16.08 12.59 -9.83
N GLU B 315 17.16 11.97 -10.31
N GLU B 315 17.13 11.98 -10.35
CA GLU B 315 18.51 12.57 -10.14
CA GLU B 315 18.54 12.39 -10.08
C GLU B 315 19.35 12.27 -11.39
C GLU B 315 19.37 12.21 -11.36
N LEU B 316 20.45 13.01 -11.48
CA LEU B 316 21.48 12.90 -12.57
C LEU B 316 20.85 13.21 -13.94
N MET B 317 19.77 13.97 -14.01
CA MET B 317 18.98 14.12 -15.26
C MET B 317 19.76 14.96 -16.30
N ASP B 318 20.79 15.68 -15.86
CA ASP B 318 21.65 16.50 -16.74
C ASP B 318 22.74 15.63 -17.40
N TRP B 319 22.82 14.32 -17.10
CA TRP B 319 23.86 13.40 -17.63
C TRP B 319 23.27 12.44 -18.65
N ALA B 320 24.02 12.21 -19.75
CA ALA B 320 23.70 11.15 -20.71
C ALA B 320 24.90 10.22 -20.78
N TRP B 321 24.67 9.01 -21.23
CA TRP B 321 25.75 8.06 -21.58
C TRP B 321 26.36 8.52 -22.93
N TRP B 322 27.16 9.58 -22.89
CA TRP B 322 27.69 10.23 -24.11
C TRP B 322 28.47 9.21 -24.96
N VAL B 323 28.38 9.37 -26.28
CA VAL B 323 29.33 8.76 -27.26
C VAL B 323 29.50 9.75 -28.41
N PRO B 324 30.75 10.00 -28.89
CA PRO B 324 30.91 10.75 -30.14
C PRO B 324 30.18 9.96 -31.23
N SER B 325 29.38 10.65 -32.07
CA SER B 325 28.57 9.95 -33.08
C SER B 325 28.68 10.65 -34.45
N ILE B 326 28.35 9.86 -35.48
CA ILE B 326 28.47 10.20 -36.93
C ILE B 326 27.11 10.09 -37.62
N HIS B 327 26.68 11.18 -38.24
CA HIS B 327 25.46 11.23 -39.09
C HIS B 327 25.75 10.40 -40.34
N VAL B 328 24.86 9.46 -40.64
CA VAL B 328 24.87 8.69 -41.91
C VAL B 328 23.55 8.93 -42.63
N PRO B 329 23.58 9.51 -43.85
CA PRO B 329 22.36 9.82 -44.60
C PRO B 329 21.40 8.62 -44.67
N GLY B 330 20.12 8.90 -44.39
CA GLY B 330 19.01 7.93 -44.45
C GLY B 330 19.14 6.80 -43.43
N GLU B 331 19.94 6.98 -42.36
CA GLU B 331 19.94 6.03 -41.21
C GLU B 331 19.28 6.68 -39.99
N ALA B 332 18.40 5.96 -39.32
CA ALA B 332 17.56 6.46 -38.21
C ALA B 332 18.44 6.82 -36.99
N ALA B 333 19.56 6.13 -36.76
CA ALA B 333 20.48 6.39 -35.63
C ALA B 333 21.83 6.92 -36.15
N GLN B 334 22.55 7.74 -35.40
CA GLN B 334 23.98 8.08 -35.72
C GLN B 334 24.88 6.94 -35.21
N THR B 335 26.06 6.79 -35.82
CA THR B 335 27.01 5.70 -35.51
C THR B 335 27.98 6.17 -34.41
N GLY B 336 28.03 5.43 -33.30
CA GLY B 336 28.94 5.72 -32.18
C GLY B 336 30.35 5.31 -32.53
N LEU B 337 31.33 6.10 -32.11
CA LEU B 337 32.77 5.79 -32.26
C LEU B 337 33.28 5.24 -30.93
N PHE B 338 33.18 3.93 -30.70
CA PHE B 338 33.51 3.30 -29.39
C PHE B 338 35.01 3.02 -29.27
N ALA B 339 35.59 2.36 -30.28
CA ALA B 339 36.95 1.76 -30.22
C ALA B 339 37.92 2.47 -31.18
N GLU B 340 37.44 3.01 -32.30
CA GLU B 340 38.31 3.39 -33.45
C GLU B 340 39.13 4.64 -33.13
N ARG B 341 38.68 5.48 -32.19
CA ARG B 341 39.42 6.72 -31.83
C ARG B 341 40.77 6.36 -31.20
N ASN B 342 40.90 5.16 -30.63
CA ASN B 342 42.15 4.76 -29.92
C ASN B 342 43.25 4.47 -30.96
N LEU B 343 42.86 4.27 -32.22
CA LEU B 343 43.81 3.87 -33.29
C LEU B 343 44.74 5.04 -33.62
N PRO B 344 45.99 4.73 -34.06
CA PRO B 344 47.02 5.75 -34.21
C PRO B 344 46.86 6.57 -35.51
N GLY B 345 46.98 7.89 -35.43
CA GLY B 345 46.95 8.79 -36.59
C GLY B 345 45.70 9.66 -36.66
N CYS B 346 44.78 9.59 -35.69
CA CYS B 346 43.59 10.49 -35.74
C CYS B 346 43.65 11.50 -34.60
N ILE B 347 43.18 12.72 -34.84
CA ILE B 347 43.11 13.77 -33.78
C ILE B 347 41.70 14.36 -33.82
N VAL B 348 41.25 14.83 -32.65
CA VAL B 348 39.95 15.53 -32.55
C VAL B 348 40.24 16.98 -32.22
N VAL B 349 39.63 17.89 -32.98
CA VAL B 349 39.89 19.35 -32.81
C VAL B 349 38.56 20.09 -32.73
N ASN B 350 38.60 21.24 -32.08
CA ASN B 350 37.54 22.28 -32.10
C ASN B 350 37.74 23.19 -33.31
N GLY B 351 36.94 24.25 -33.43
CA GLY B 351 36.98 25.16 -34.60
C GLY B 351 38.28 25.96 -34.70
N LYS B 352 39.02 26.08 -33.60
CA LYS B 352 40.34 26.75 -33.56
C LYS B 352 41.44 25.77 -33.98
N GLY B 353 41.05 24.55 -34.38
CA GLY B 353 41.98 23.48 -34.78
C GLY B 353 42.81 22.94 -33.63
N GLN B 354 42.36 23.15 -32.39
CA GLN B 354 43.10 22.70 -31.19
C GLN B 354 42.49 21.41 -30.64
N ARG B 355 43.32 20.53 -30.09
CA ARG B 355 42.85 19.32 -29.35
C ARG B 355 42.35 19.74 -27.97
N PHE B 356 41.41 18.99 -27.39
CA PHE B 356 40.87 19.33 -26.05
C PHE B 356 40.62 18.06 -25.24
N ILE B 357 40.81 16.88 -25.83
CA ILE B 357 40.51 15.58 -25.15
C ILE B 357 41.49 14.50 -25.64
N ASN B 358 41.92 13.65 -24.74
CA ASN B 358 42.51 12.32 -25.08
C ASN B 358 41.56 11.64 -26.08
N GLU B 359 42.00 11.40 -27.33
CA GLU B 359 41.12 10.77 -28.35
C GLU B 359 40.72 9.36 -27.90
N ALA B 360 41.57 8.67 -27.13
CA ALA B 360 41.30 7.33 -26.59
C ALA B 360 40.45 7.40 -25.29
N SER B 361 40.06 8.58 -24.82
CA SER B 361 39.20 8.71 -23.59
C SER B 361 38.05 7.72 -23.70
N PRO B 362 37.61 7.08 -22.59
CA PRO B 362 36.29 6.44 -22.58
C PRO B 362 35.25 7.40 -23.13
N TYR B 363 34.24 6.86 -23.79
CA TYR B 363 33.22 7.63 -24.54
C TYR B 363 32.45 8.58 -23.63
N LEU B 364 32.13 8.18 -22.38
CA LEU B 364 31.38 9.07 -21.45
C LEU B 364 32.16 10.36 -21.24
N GLU B 365 33.43 10.24 -20.85
CA GLU B 365 34.29 11.40 -20.51
C GLU B 365 34.56 12.23 -21.79
N PHE B 366 34.63 11.57 -22.94
CA PHE B 366 34.82 12.23 -24.27
C PHE B 366 33.65 13.21 -24.52
N GLY B 367 32.41 12.73 -24.44
CA GLY B 367 31.20 13.57 -24.57
C GLY B 367 31.23 14.73 -23.58
N ALA B 368 31.53 14.46 -22.32
CA ALA B 368 31.58 15.50 -21.27
C ALA B 368 32.59 16.56 -21.67
N ALA B 369 33.75 16.16 -22.23
CA ALA B 369 34.82 17.10 -22.59
C ALA B 369 34.40 17.95 -23.80
N MET B 370 33.58 17.43 -24.70
CA MET B 370 33.05 18.22 -25.85
C MET B 370 32.25 19.41 -25.26
N TYR B 371 31.39 19.16 -24.28
CA TYR B 371 30.56 20.23 -23.67
C TYR B 371 31.44 21.16 -22.87
N GLU B 372 32.45 20.62 -22.18
CA GLU B 372 33.35 21.46 -21.36
C GLU B 372 34.10 22.44 -22.28
N ASN B 373 34.63 21.95 -23.41
CA ASN B 373 35.40 22.81 -24.34
C ASN B 373 34.43 23.76 -25.08
N HIS B 374 33.23 23.31 -25.43
CA HIS B 374 32.25 24.11 -26.20
C HIS B 374 31.92 25.39 -25.41
N ALA B 375 31.91 25.31 -24.08
CA ALA B 375 31.60 26.45 -23.19
C ALA B 375 32.69 27.51 -23.31
N ARG B 376 33.94 27.11 -23.57
CA ARG B 376 35.10 28.03 -23.70
C ARG B 376 35.28 28.47 -25.15
N SER B 377 35.18 27.56 -26.11
CA SER B 377 35.60 27.77 -27.53
C SER B 377 34.41 28.16 -28.39
N GLY B 378 33.21 27.68 -28.05
CA GLY B 378 32.00 27.84 -28.88
C GLY B 378 32.03 26.96 -30.12
N SER B 379 32.97 26.02 -30.24
CA SER B 379 33.09 25.21 -31.49
C SER B 379 33.60 23.81 -31.18
N ALA B 380 33.03 23.12 -30.17
CA ALA B 380 33.42 21.72 -29.85
C ALA B 380 32.20 20.81 -29.86
N VAL B 381 30.98 21.35 -30.05
CA VAL B 381 29.78 20.51 -30.31
C VAL B 381 29.12 21.05 -31.56
N PRO B 382 29.28 20.40 -32.75
CA PRO B 382 30.13 19.22 -32.91
C PRO B 382 31.62 19.60 -32.97
N ALA B 383 32.49 18.60 -32.99
CA ALA B 383 33.95 18.72 -33.13
C ALA B 383 34.35 18.03 -34.45
N TRP B 384 35.65 18.00 -34.77
CA TRP B 384 36.15 17.42 -36.05
C TRP B 384 37.19 16.35 -35.78
N LEU B 385 37.04 15.22 -36.44
CA LEU B 385 38.03 14.12 -36.39
C LEU B 385 38.85 14.19 -37.69
N ILE B 386 40.17 14.23 -37.57
CA ILE B 386 41.13 14.41 -38.70
C ILE B 386 42.04 13.18 -38.76
N PHE B 387 42.26 12.64 -39.96
CA PHE B 387 43.28 11.59 -40.20
C PHE B 387 43.74 11.64 -41.67
N ASP B 388 44.77 10.85 -42.00
CA ASP B 388 45.43 10.92 -43.33
C ASP B 388 45.09 9.68 -44.16
N GLY B 389 45.75 9.54 -45.31
CA GLY B 389 45.45 8.45 -46.24
C GLY B 389 45.87 7.10 -45.73
N LYS B 390 46.92 7.06 -44.91
CA LYS B 390 47.39 5.78 -44.33
C LYS B 390 46.33 5.27 -43.33
N PHE B 391 45.85 6.15 -42.45
CA PHE B 391 44.77 5.82 -41.47
C PHE B 391 43.56 5.27 -42.26
N ARG B 392 43.13 6.05 -43.24
CA ARG B 392 41.96 5.74 -44.09
C ARG B 392 42.09 4.34 -44.67
N TYR B 393 43.26 4.02 -45.23
CA TYR B 393 43.52 2.73 -45.90
C TYR B 393 43.42 1.59 -44.87
N ASN B 394 43.98 1.80 -43.68
CA ASN B 394 44.23 0.72 -42.68
C ASN B 394 43.03 0.45 -41.77
N TYR B 395 42.20 1.45 -41.46
CA TYR B 395 41.35 1.42 -40.25
C TYR B 395 39.91 1.80 -40.55
N PRO B 396 38.95 1.27 -39.76
CA PRO B 396 37.55 1.68 -39.85
C PRO B 396 37.40 2.98 -39.06
N MET B 397 36.31 3.70 -39.30
CA MET B 397 35.91 4.84 -38.46
C MET B 397 34.39 4.98 -38.58
N GLY B 398 33.67 4.42 -37.61
CA GLY B 398 32.19 4.36 -37.66
C GLY B 398 31.74 3.74 -38.99
N PRO B 399 30.97 4.48 -39.83
CA PRO B 399 30.47 3.90 -41.07
C PRO B 399 31.56 3.63 -42.12
N LEU B 400 32.75 4.24 -42.00
CA LEU B 400 33.86 4.00 -42.96
C LEU B 400 34.51 2.67 -42.60
N MET B 401 34.55 1.74 -43.55
CA MET B 401 35.42 0.55 -43.49
C MET B 401 36.81 0.92 -44.00
N PRO B 402 37.87 0.14 -43.69
CA PRO B 402 39.19 0.45 -44.20
C PRO B 402 39.17 0.61 -45.73
N GLY B 403 39.86 1.63 -46.24
CA GLY B 403 40.01 1.92 -47.69
C GLY B 403 40.54 0.72 -48.46
N GLN B 404 41.36 -0.10 -47.81
N GLN B 404 41.33 -0.13 -47.79
CA GLN B 404 41.92 -1.36 -48.38
CA GLN B 404 41.93 -1.36 -48.36
C GLN B 404 40.78 -2.26 -48.86
C GLN B 404 40.84 -2.42 -48.69
N ILE B 405 39.61 -2.25 -48.21
CA ILE B 405 38.47 -3.15 -48.61
C ILE B 405 37.29 -2.35 -49.19
N GLN B 406 37.16 -1.04 -48.92
CA GLN B 406 36.00 -0.23 -49.38
C GLN B 406 36.55 1.10 -49.88
N PRO B 407 36.35 1.45 -51.18
CA PRO B 407 36.78 2.75 -51.67
C PRO B 407 35.84 3.84 -51.12
N ASP B 408 36.27 5.11 -51.18
CA ASP B 408 35.44 6.27 -50.81
C ASP B 408 34.11 6.21 -51.57
N ARG B 409 32.98 6.43 -50.89
CA ARG B 409 31.64 6.43 -51.52
C ARG B 409 31.30 7.86 -51.95
N LYS B 410 30.95 8.06 -53.22
CA LYS B 410 30.68 9.40 -53.78
C LYS B 410 29.51 10.06 -53.06
N ALA B 411 28.44 9.31 -52.78
CA ALA B 411 27.22 9.81 -52.11
C ALA B 411 27.56 10.38 -50.71
N TRP B 412 28.69 9.96 -50.13
CA TRP B 412 29.11 10.32 -48.76
C TRP B 412 30.06 11.52 -48.76
N LEU B 413 30.60 11.94 -49.92
CA LEU B 413 31.57 13.06 -49.95
C LEU B 413 30.87 14.33 -49.50
N GLY B 414 31.45 15.06 -48.55
CA GLY B 414 30.85 16.28 -47.96
C GLY B 414 29.61 15.97 -47.12
N LYS B 415 29.33 14.70 -46.80
CA LYS B 415 28.22 14.32 -45.88
C LYS B 415 28.74 13.50 -44.69
N VAL B 416 29.40 12.37 -44.96
CA VAL B 416 29.96 11.44 -43.93
C VAL B 416 31.48 11.68 -43.78
N TYR B 417 32.16 12.08 -44.84
CA TYR B 417 33.60 12.45 -44.76
C TYR B 417 33.87 13.61 -45.72
N TRP B 418 34.81 14.46 -45.35
CA TRP B 418 35.38 15.54 -46.21
C TRP B 418 36.82 15.13 -46.55
N ARG B 419 37.27 15.41 -47.78
CA ARG B 419 38.56 14.88 -48.31
C ARG B 419 39.25 16.03 -49.04
N ASP B 420 40.56 16.15 -48.83
CA ASP B 420 41.38 17.20 -49.46
C ASP B 420 42.82 16.74 -49.59
N ASP B 421 43.51 17.21 -50.63
CA ASP B 421 44.93 16.85 -50.91
C ASP B 421 45.83 17.50 -49.87
N THR B 422 45.42 18.65 -49.30
CA THR B 422 46.20 19.36 -48.27
C THR B 422 45.39 19.54 -46.98
N LEU B 423 46.11 19.70 -45.87
CA LEU B 423 45.52 20.05 -44.56
C LEU B 423 44.85 21.42 -44.63
N GLU B 424 45.50 22.41 -45.24
CA GLU B 424 44.91 23.77 -45.39
C GLU B 424 43.58 23.68 -46.15
N GLY B 425 43.53 22.89 -47.22
CA GLY B 425 42.33 22.72 -48.04
C GLY B 425 41.20 22.13 -47.21
N LEU B 426 41.48 21.04 -46.50
CA LEU B 426 40.52 20.36 -45.57
C LEU B 426 39.97 21.37 -44.54
N ALA B 427 40.85 22.10 -43.85
CA ALA B 427 40.48 23.06 -42.80
C ALA B 427 39.42 24.04 -43.34
N LYS B 428 39.60 24.52 -44.57
CA LYS B 428 38.70 25.55 -45.16
C LYS B 428 37.34 24.90 -45.42
N GLN B 429 37.30 23.66 -45.91
CA GLN B 429 36.03 22.92 -46.21
C GLN B 429 35.18 22.81 -44.92
N ILE B 430 35.81 22.68 -43.75
CA ILE B 430 35.11 22.28 -42.48
C ILE B 430 35.03 23.47 -41.51
N GLY B 431 35.56 24.64 -41.86
CA GLY B 431 35.46 25.83 -40.99
C GLY B 431 36.33 25.72 -39.76
N VAL B 432 37.47 25.02 -39.89
CA VAL B 432 38.49 24.92 -38.81
C VAL B 432 39.69 25.81 -39.18
N ASP B 433 40.23 26.52 -38.21
CA ASP B 433 41.42 27.39 -38.33
C ASP B 433 42.59 26.55 -38.87
N ALA B 434 43.10 26.90 -40.06
CA ALA B 434 44.19 26.18 -40.75
C ALA B 434 45.47 26.21 -39.93
N ALA B 435 45.85 27.37 -39.38
CA ALA B 435 47.09 27.55 -38.59
C ALA B 435 47.04 26.63 -37.35
N GLY B 436 45.91 26.58 -36.66
CA GLY B 436 45.74 25.72 -35.47
C GLY B 436 45.85 24.25 -35.83
N LEU B 437 45.14 23.83 -36.87
CA LEU B 437 45.16 22.42 -37.31
C LEU B 437 46.60 22.03 -37.69
N LYS B 438 47.31 22.90 -38.41
CA LYS B 438 48.71 22.64 -38.78
C LYS B 438 49.56 22.47 -37.51
N GLN B 439 49.39 23.35 -36.53
CA GLN B 439 50.11 23.28 -35.23
C GLN B 439 49.81 21.93 -34.56
N SER B 440 48.53 21.51 -34.54
CA SER B 440 48.10 20.27 -33.86
C SER B 440 48.71 19.06 -34.58
N VAL B 441 48.78 19.08 -35.90
CA VAL B 441 49.37 17.95 -36.70
C VAL B 441 50.87 17.90 -36.45
N GLU B 442 51.56 19.05 -36.42
CA GLU B 442 53.01 19.11 -36.14
C GLU B 442 53.28 18.52 -34.75
N LEU B 443 52.53 18.93 -33.72
CA LEU B 443 52.68 18.39 -32.34
C LEU B 443 52.39 16.89 -32.32
N ASN B 444 51.35 16.43 -33.03
CA ASN B 444 51.01 14.99 -33.11
C ASN B 444 52.23 14.21 -33.61
N ASN B 445 52.85 14.71 -34.68
CA ASN B 445 53.96 14.00 -35.37
C ASN B 445 55.14 13.93 -34.39
N GLN B 446 55.40 14.96 -33.61
CA GLN B 446 56.44 14.94 -32.55
C GLN B 446 56.07 13.91 -31.49
N TYR B 447 54.81 13.89 -31.05
CA TYR B 447 54.34 12.94 -30.00
C TYR B 447 54.51 11.49 -30.49
N ALA B 448 54.16 11.24 -31.73
CA ALA B 448 54.18 9.88 -32.32
C ALA B 448 55.63 9.35 -32.33
N GLN B 449 56.61 10.25 -32.51
CA GLN B 449 58.04 9.88 -32.65
C GLN B 449 58.56 9.28 -31.34
N ASP B 450 58.35 9.91 -30.17
CA ASP B 450 58.83 9.32 -28.89
C ASP B 450 57.68 8.67 -28.12
N GLY B 451 56.47 8.59 -28.68
CA GLY B 451 55.32 7.84 -28.10
C GLY B 451 54.68 8.52 -26.89
N LYS B 452 54.88 9.82 -26.70
CA LYS B 452 54.34 10.57 -25.54
C LYS B 452 53.47 11.74 -26.02
N ASP B 453 52.17 11.65 -25.76
CA ASP B 453 51.23 12.78 -26.03
C ASP B 453 51.35 13.71 -24.84
N ARG B 454 52.06 14.82 -24.99
CA ARG B 454 52.43 15.71 -23.85
C ARG B 454 51.20 16.47 -23.33
N GLU B 455 50.11 16.58 -24.09
CA GLU B 455 48.92 17.37 -23.70
C GLU B 455 47.86 16.49 -23.05
N PHE B 456 47.50 15.33 -23.63
CA PHE B 456 46.39 14.50 -23.10
C PHE B 456 46.81 13.04 -22.86
N ASP B 457 48.08 12.68 -23.03
CA ASP B 457 48.64 11.35 -22.67
C ASP B 457 47.88 10.20 -23.38
N LYS B 458 47.41 10.36 -24.62
CA LYS B 458 46.79 9.24 -25.38
C LYS B 458 47.76 8.03 -25.37
N GLY B 459 47.24 6.85 -25.03
CA GLY B 459 48.04 5.60 -25.01
C GLY B 459 48.82 5.43 -23.72
N GLY B 460 48.60 6.29 -22.72
CA GLY B 460 49.38 6.30 -21.46
C GLY B 460 48.94 5.25 -20.45
N ASN B 461 47.95 4.42 -20.77
CA ASN B 461 47.48 3.38 -19.82
C ASN B 461 46.95 2.20 -20.62
N VAL B 462 46.71 1.06 -19.99
CA VAL B 462 46.37 -0.22 -20.69
C VAL B 462 44.97 -0.16 -21.30
N PHE B 463 44.07 0.68 -20.79
CA PHE B 463 42.74 0.81 -21.41
C PHE B 463 42.93 1.44 -22.80
N ASP B 464 43.60 2.58 -22.86
CA ASP B 464 43.83 3.31 -24.15
C ASP B 464 44.45 2.33 -25.17
N ARG B 465 45.46 1.57 -24.73
CA ARG B 465 46.28 0.73 -25.65
C ARG B 465 45.51 -0.51 -26.10
N TYR B 466 44.47 -0.92 -25.36
CA TYR B 466 43.64 -2.09 -25.73
C TYR B 466 43.14 -1.95 -27.17
N TYR B 467 42.76 -0.76 -27.61
CA TYR B 467 42.20 -0.53 -28.98
C TYR B 467 43.20 0.25 -29.87
N GLY B 468 44.47 0.35 -29.45
CA GLY B 468 45.55 0.81 -30.34
C GLY B 468 45.93 -0.26 -31.35
N ASP B 469 46.87 0.05 -32.26
CA ASP B 469 47.40 -0.92 -33.27
C ASP B 469 48.66 -1.55 -32.66
N TYR B 470 48.55 -2.82 -32.32
CA TYR B 470 49.61 -3.76 -31.89
C TYR B 470 50.92 -3.48 -32.67
N ASN B 471 50.81 -3.32 -33.99
CA ASN B 471 51.96 -3.17 -34.93
C ASN B 471 52.62 -1.79 -34.83
N VAL B 472 51.99 -0.80 -34.17
CA VAL B 472 52.49 0.61 -34.27
C VAL B 472 53.26 0.95 -33.00
N LYS B 473 54.43 1.57 -33.20
CA LYS B 473 55.44 1.81 -32.14
C LYS B 473 55.93 3.26 -32.20
N PRO B 474 56.47 3.81 -31.10
CA PRO B 474 56.53 3.15 -29.80
C PRO B 474 55.20 3.02 -29.03
N ASN B 475 54.22 3.87 -29.35
CA ASN B 475 52.88 3.93 -28.67
C ASN B 475 51.85 3.46 -29.68
N PRO B 476 51.08 2.37 -29.44
CA PRO B 476 50.15 1.85 -30.44
C PRO B 476 48.97 2.80 -30.71
N CYS B 477 48.83 3.88 -29.93
CA CYS B 477 47.75 4.89 -30.09
C CYS B 477 48.23 6.13 -30.87
N LEU B 478 49.53 6.27 -31.19
CA LEU B 478 50.06 7.54 -31.80
C LEU B 478 50.83 7.21 -33.08
N ALA B 479 50.46 7.82 -34.21
CA ALA B 479 51.21 7.74 -35.49
C ALA B 479 51.20 9.11 -36.18
N PRO B 480 52.19 9.38 -37.08
CA PRO B 480 52.19 10.61 -37.86
C PRO B 480 50.97 10.82 -38.75
N ILE B 481 50.63 12.09 -38.97
CA ILE B 481 49.58 12.49 -39.95
C ILE B 481 50.32 13.28 -41.04
N GLY B 482 50.51 12.70 -42.22
CA GLY B 482 51.33 13.33 -43.28
C GLY B 482 51.29 12.65 -44.64
N LYS B 483 50.41 11.69 -44.90
CA LYS B 483 50.24 11.09 -46.25
C LYS B 483 48.87 11.49 -46.80
N PRO B 484 48.84 12.32 -47.87
CA PRO B 484 47.58 12.66 -48.54
C PRO B 484 46.84 11.45 -49.11
N PRO B 485 45.52 11.52 -49.33
CA PRO B 485 44.70 12.68 -48.98
C PRO B 485 44.35 12.72 -47.48
N TYR B 486 43.89 13.88 -47.01
CA TYR B 486 43.46 14.14 -45.61
C TYR B 486 41.93 14.06 -45.54
N TYR B 487 41.43 13.51 -44.42
CA TYR B 487 39.99 13.28 -44.21
C TYR B 487 39.53 13.95 -42.91
N ALA B 488 38.29 14.43 -42.92
CA ALA B 488 37.60 14.95 -41.72
C ALA B 488 36.25 14.26 -41.59
N MET B 489 35.82 14.04 -40.35
CA MET B 489 34.45 13.59 -40.03
C MET B 489 33.90 14.45 -38.89
N ARG B 490 32.60 14.73 -38.97
CA ARG B 490 31.92 15.67 -38.03
C ARG B 490 31.44 14.84 -36.83
N VAL B 491 32.00 15.14 -35.67
CA VAL B 491 31.78 14.34 -34.43
C VAL B 491 30.72 15.06 -33.59
N ASP B 492 29.53 14.48 -33.53
CA ASP B 492 28.42 15.03 -32.72
C ASP B 492 28.55 14.51 -31.27
N ALA B 493 28.05 15.28 -30.30
CA ALA B 493 27.86 14.82 -28.90
C ALA B 493 26.66 13.88 -28.87
N GLY B 494 26.89 12.64 -29.27
CA GLY B 494 25.86 11.59 -29.28
C GLY B 494 25.70 10.94 -27.90
N ASP B 495 24.91 9.89 -27.85
CA ASP B 495 24.59 9.13 -26.61
C ASP B 495 24.13 7.74 -26.99
N ILE B 496 24.19 6.84 -26.02
CA ILE B 496 23.61 5.48 -26.07
C ILE B 496 22.47 5.40 -25.02
N GLY B 497 21.93 6.53 -24.65
CA GLY B 497 20.80 6.65 -23.69
C GLY B 497 21.08 7.73 -22.69
N THR B 498 20.06 8.13 -21.93
CA THR B 498 20.24 9.06 -20.80
C THR B 498 20.69 8.23 -19.58
N LYS B 499 21.37 8.90 -18.65
CA LYS B 499 22.08 8.27 -17.50
C LYS B 499 21.33 8.51 -16.18
N GLY B 500 20.61 9.62 -16.10
CA GLY B 500 19.78 9.97 -14.93
C GLY B 500 18.40 9.39 -15.07
N GLY B 501 17.59 9.49 -14.01
CA GLY B 501 16.23 8.94 -14.03
C GLY B 501 15.66 8.86 -12.63
N LEU B 502 14.66 8.00 -12.48
CA LEU B 502 13.96 7.79 -11.20
C LEU B 502 14.96 7.32 -10.14
N LEU B 503 14.96 7.96 -8.97
CA LEU B 503 15.82 7.53 -7.85
C LEU B 503 15.27 6.21 -7.31
N THR B 504 16.14 5.23 -7.09
CA THR B 504 15.77 3.93 -6.50
C THR B 504 16.63 3.63 -5.28
N ASP B 505 16.19 2.64 -4.49
CA ASP B 505 16.96 2.07 -3.36
C ASP B 505 17.67 0.81 -3.86
N LYS B 506 18.28 0.08 -2.93
CA LYS B 506 19.13 -1.09 -3.23
C LYS B 506 18.31 -2.22 -3.85
N ASP B 507 16.99 -2.20 -3.71
CA ASP B 507 16.10 -3.27 -4.24
C ASP B 507 15.30 -2.73 -5.42
N ALA B 508 15.75 -1.61 -6.01
CA ALA B 508 15.18 -0.99 -7.23
C ALA B 508 13.80 -0.39 -6.97
N ARG B 509 13.44 -0.13 -5.70
CA ARG B 509 12.16 0.55 -5.39
C ARG B 509 12.29 2.01 -5.77
N VAL B 510 11.32 2.56 -6.48
CA VAL B 510 11.30 4.01 -6.76
C VAL B 510 11.03 4.76 -5.45
N LEU B 511 11.78 5.83 -5.21
CA LEU B 511 11.66 6.69 -4.00
C LEU B 511 10.97 8.02 -4.33
N ASP B 512 10.18 8.54 -3.38
CA ASP B 512 9.57 9.90 -3.49
C ASP B 512 10.58 10.95 -2.98
N GLU B 513 10.17 12.22 -2.92
CA GLU B 513 11.03 13.37 -2.54
C GLU B 513 11.50 13.25 -1.08
N SER B 514 10.87 12.37 -0.29
CA SER B 514 11.20 12.11 1.13
C SER B 514 11.95 10.78 1.29
N ASP B 515 12.45 10.19 0.21
CA ASP B 515 13.22 8.92 0.21
C ASP B 515 12.34 7.76 0.68
N ARG B 516 11.02 7.92 0.58
CA ARG B 516 10.07 6.84 0.95
C ARG B 516 9.73 6.04 -0.30
N PRO B 517 9.88 4.70 -0.28
CA PRO B 517 9.47 3.86 -1.40
C PRO B 517 8.01 4.08 -1.79
N ILE B 518 7.77 4.16 -3.08
CA ILE B 518 6.40 4.13 -3.64
C ILE B 518 6.06 2.65 -3.77
N GLU B 519 5.21 2.20 -2.85
CA GLU B 519 4.80 0.77 -2.78
C GLU B 519 4.31 0.36 -4.16
N GLY B 520 4.73 -0.84 -4.58
CA GLY B 520 4.34 -1.48 -5.84
C GLY B 520 5.19 -1.05 -7.06
N LEU B 521 6.14 -0.12 -6.93
CA LEU B 521 6.84 0.47 -8.10
C LEU B 521 8.36 0.27 -7.99
N TYR B 522 8.93 -0.35 -9.00
CA TYR B 522 10.37 -0.63 -9.17
C TYR B 522 10.82 0.01 -10.48
N CYS B 523 12.13 0.24 -10.61
CA CYS B 523 12.67 0.88 -11.83
C CYS B 523 14.14 0.45 -12.02
N ILE B 524 14.50 0.10 -13.24
CA ILE B 524 15.81 -0.51 -13.57
C ILE B 524 16.31 0.07 -14.90
N GLY B 525 17.61 -0.06 -15.15
CA GLY B 525 18.19 0.39 -16.43
C GLY B 525 18.17 1.89 -16.57
N ASN B 526 18.16 2.40 -17.80
CA ASN B 526 18.29 3.85 -18.05
C ASN B 526 17.02 4.62 -17.68
N ASN B 527 15.94 3.90 -17.38
CA ASN B 527 14.69 4.46 -16.76
C ASN B 527 15.03 5.00 -15.36
N SER B 528 16.06 4.45 -14.70
CA SER B 528 16.49 4.81 -13.32
C SER B 528 17.76 5.67 -13.32
N ALA B 529 17.96 6.45 -12.27
CA ALA B 529 19.24 7.16 -12.03
C ALA B 529 20.36 6.12 -11.83
N SER B 530 21.46 6.29 -12.57
CA SER B 530 22.56 5.29 -12.68
C SER B 530 23.21 5.05 -11.30
N VAL B 531 23.40 3.78 -10.97
CA VAL B 531 24.13 3.33 -9.75
C VAL B 531 25.59 3.75 -9.90
N MET B 532 26.01 4.09 -11.13
CA MET B 532 27.43 4.45 -11.39
C MET B 532 27.60 5.97 -11.34
N GLY B 533 26.61 6.72 -10.82
CA GLY B 533 26.78 8.16 -10.61
C GLY B 533 27.06 8.90 -11.92
N LYS B 534 28.16 9.65 -11.96
CA LYS B 534 28.59 10.36 -13.21
C LYS B 534 29.74 9.60 -13.87
N ALA B 535 29.80 8.27 -13.69
CA ALA B 535 30.96 7.48 -14.12
C ALA B 535 30.51 6.26 -14.92
N TYR B 536 31.49 5.58 -15.53
CA TYR B 536 31.29 4.39 -16.39
C TYR B 536 32.46 3.47 -16.09
N PRO B 537 32.29 2.45 -15.22
CA PRO B 537 33.45 1.77 -14.61
C PRO B 537 34.26 0.88 -15.57
N GLY B 538 33.58 0.35 -16.58
CA GLY B 538 34.12 -0.61 -17.55
C GLY B 538 33.05 -1.00 -18.54
N ALA B 539 33.43 -1.69 -19.62
CA ALA B 539 32.47 -2.20 -20.62
C ALA B 539 31.43 -3.05 -19.90
N GLY B 540 30.14 -2.72 -20.06
CA GLY B 540 29.07 -3.39 -19.29
C GLY B 540 28.56 -2.57 -18.12
N GLY B 541 28.95 -1.30 -18.03
CA GLY B 541 28.57 -0.35 -16.96
C GLY B 541 27.12 0.08 -17.04
N THR B 542 26.38 -0.19 -18.12
CA THR B 542 24.92 0.14 -18.22
C THR B 542 24.09 -1.14 -18.13
N LEU B 543 24.48 -2.19 -18.84
CA LEU B 543 23.69 -3.45 -18.85
C LEU B 543 23.91 -4.24 -17.56
N GLY B 544 25.11 -4.24 -16.99
CA GLY B 544 25.32 -4.94 -15.69
C GLY B 544 24.27 -4.43 -14.68
N PRO B 545 24.21 -3.10 -14.47
CA PRO B 545 23.22 -2.52 -13.55
C PRO B 545 21.76 -2.78 -13.96
N ALA B 546 21.43 -2.75 -15.27
CA ALA B 546 20.05 -2.98 -15.74
C ALA B 546 19.63 -4.38 -15.30
N MET B 547 20.45 -5.36 -15.60
CA MET B 547 20.10 -6.75 -15.30
C MET B 547 20.22 -7.03 -13.79
N THR B 548 21.19 -6.45 -13.10
CA THR B 548 21.42 -6.77 -11.66
C THR B 548 20.26 -6.21 -10.84
N PHE B 549 19.83 -4.99 -11.10
CA PHE B 549 18.69 -4.40 -10.34
C PHE B 549 17.36 -5.02 -10.82
N GLY B 550 17.29 -5.52 -12.06
CA GLY B 550 16.13 -6.34 -12.50
C GLY B 550 15.99 -7.57 -11.66
N PHE B 551 17.10 -8.27 -11.44
CA PHE B 551 17.22 -9.47 -10.59
C PHE B 551 16.77 -9.13 -9.16
N ARG B 552 17.34 -8.09 -8.56
CA ARG B 552 17.01 -7.66 -7.18
C ARG B 552 15.53 -7.24 -7.09
N ALA B 553 14.96 -6.57 -8.10
CA ALA B 553 13.53 -6.17 -8.09
C ALA B 553 12.66 -7.43 -7.97
N ALA B 554 12.88 -8.42 -8.82
CA ALA B 554 12.13 -9.70 -8.81
C ALA B 554 12.30 -10.35 -7.44
N ASN B 555 13.53 -10.42 -6.93
CA ASN B 555 13.79 -11.06 -5.61
C ASN B 555 12.99 -10.33 -4.53
N HIS B 556 12.95 -9.01 -4.57
CA HIS B 556 12.28 -8.22 -3.52
C HIS B 556 10.77 -8.47 -3.57
N ILE B 557 10.19 -8.48 -4.78
CA ILE B 557 8.74 -8.69 -4.99
C ILE B 557 8.36 -10.08 -4.46
N ALA B 558 9.12 -11.11 -4.83
CA ALA B 558 8.91 -12.49 -4.30
C ALA B 558 9.04 -12.55 -2.77
N ALA B 559 10.00 -11.85 -2.15
CA ALA B 559 10.27 -11.98 -0.70
C ALA B 559 9.18 -11.26 0.12
N SER B 560 8.35 -10.44 -0.54
N SER B 560 8.38 -10.39 -0.50
CA SER B 560 7.25 -9.64 0.04
CA SER B 560 7.27 -9.64 0.14
C SER B 560 6.02 -10.51 0.29
C SER B 560 6.07 -10.56 0.43
N LYS B 561 6.06 -11.77 -0.15
CA LYS B 561 5.05 -12.86 0.06
C LYS B 561 3.84 -12.39 0.88
#